data_3W3V
#
_entry.id   3W3V
#
_cell.length_a   77.790
_cell.length_b   122.310
_cell.length_c   84.670
_cell.angle_alpha   90.00
_cell.angle_beta   116.08
_cell.angle_gamma   90.00
#
_symmetry.space_group_name_H-M   'P 1 21 1'
#
_entity_poly.entity_id   1
_entity_poly.type   'polypeptide(L)'
_entity_poly.pdbx_seq_one_letter_code
;MSALPEEVNRTLLQIVQAFASPDNQIRSVAEKALSEEWITENNIEYLLTFLAEQAAFSQDTTVAALSAVLFRKLALKAPI
THIRKEVLAQIRSSLLKGFLSERADSIRHKLSDAIAECVQDDLPAWPELLQALIESLKSGNPNFRESSFRILTTVPYLIT
AVDINSILPIFQSGFTDASDNVKIAAVTAFVGYFKQLPKSEWSKLGILLPSLLNSLPRFLDDGKDDALASVFESLIELVE
LAPKLFKDMFDQIIQFTDMVIKNKDLEPPARTTALELLTVFSENAPQMCKSNQNYGQTLVMVTLIMMTEVSIDDDDAAEW
IESDDTDDEEEVTYDHARQALKRVALKLGGEYLAAPLFQYLQQMITSTEWRERFAAMMALSSAAKGCADVLIGEIPKILD
MVIPLINDPHPRVQYGCCNVLGQISTKFSPFIQRTAHDRILPALISKLTSECTSRVQTHAAAALVNFSEFASKDILEPYL
DSLLTNLLVLLQSNKLYVQEQALTTIAFIAEAAKNKFIKYYDTLMPLLLNVLKVNNKDNSVLKGKCMECATLIGFAVGKE
KFHEHSQELISILVALQNSDIDEDDALRSYLEQSWSRICRILGDDFVPLLPIVIPPLLITAKATQDVGLIEEEEAANFQQ
YPDWDVVQVQGKHIAIHTSVLDDKVSAMELLQSYATLLRGQFAVYVKEVMEEIALPSLDFYLHDGVRAAGATLIPILLSC
LLAATGTQNEELVLLWHKASSKLIGGLMSEPMPEITQVYHNSLVNGIKVMGDNCLSEDQLAAFTKGVSANLTDTYERMQD
RHGDGDEYNENIDEEEDFTDEDLLDEINKSIAAVLKTTNGHYLKNLENIWPMINTFLLDNEPILVIFALVVIGDLIQYGG
EQTASMKNAFIPKVTECLISPDARIRQAASYIIGVCAQYAPSTYADVCIPTLDTLVQIVDFPGSKLEENRSSTENASAAI
AKILYAYNSNIPNVDTYTANWFKTLPTITDKEAASFNYQFLSQLIENNSPIVCAQSNISAVVDSVIQALNERSLTEREGQ
TVISSVKKLLGFLPSSDAMAIFNRYPADIMEKVHKWFA
;
_entity_poly.pdbx_strand_id   A
#
# COMPACT_ATOMS: atom_id res chain seq x y z
N LEU A 4 -43.81 -30.88 -21.49
CA LEU A 4 -44.64 -29.68 -21.13
C LEU A 4 -46.05 -29.62 -21.75
N PRO A 5 -47.05 -29.12 -20.96
CA PRO A 5 -48.37 -28.79 -21.53
C PRO A 5 -48.24 -27.94 -22.79
N GLU A 6 -49.04 -28.26 -23.80
CA GLU A 6 -48.97 -27.66 -25.15
C GLU A 6 -49.13 -26.13 -25.19
N GLU A 7 -50.04 -25.60 -24.37
CA GLU A 7 -50.27 -24.15 -24.36
C GLU A 7 -49.02 -23.39 -23.90
N VAL A 8 -48.60 -23.67 -22.65
CA VAL A 8 -47.35 -23.19 -22.03
C VAL A 8 -46.20 -22.98 -23.03
N ASN A 9 -45.99 -23.97 -23.91
CA ASN A 9 -44.99 -23.91 -25.00
C ASN A 9 -45.06 -22.67 -25.90
N ARG A 10 -46.22 -22.42 -26.51
CA ARG A 10 -46.38 -21.29 -27.44
C ARG A 10 -46.44 -19.93 -26.72
N THR A 11 -46.92 -19.94 -25.48
CA THR A 11 -46.82 -18.76 -24.59
C THR A 11 -45.34 -18.40 -24.42
N LEU A 12 -44.57 -19.36 -23.92
CA LEU A 12 -43.14 -19.18 -23.71
C LEU A 12 -42.39 -18.98 -25.01
N LEU A 13 -42.73 -19.73 -26.05
CA LEU A 13 -42.08 -19.59 -27.34
C LEU A 13 -42.23 -18.17 -27.91
N GLN A 14 -43.42 -17.57 -27.75
CA GLN A 14 -43.66 -16.18 -28.15
C GLN A 14 -42.76 -15.21 -27.38
N ILE A 15 -42.73 -15.35 -26.05
CA ILE A 15 -41.96 -14.47 -25.13
C ILE A 15 -40.45 -14.51 -25.38
N VAL A 16 -39.92 -15.73 -25.51
CA VAL A 16 -38.50 -15.95 -25.80
C VAL A 16 -38.15 -15.44 -27.19
N GLN A 17 -39.10 -15.47 -28.11
CA GLN A 17 -38.89 -14.91 -29.44
C GLN A 17 -38.95 -13.40 -29.41
N ALA A 18 -39.69 -12.85 -28.45
CA ALA A 18 -39.70 -11.42 -28.24
C ALA A 18 -38.33 -10.94 -27.74
N PHE A 19 -37.61 -11.82 -27.06
CA PHE A 19 -36.25 -11.49 -26.64
C PHE A 19 -35.28 -11.13 -27.80
N ALA A 20 -35.30 -11.86 -28.92
CA ALA A 20 -34.65 -11.35 -30.15
C ALA A 20 -35.43 -10.14 -30.70
N SER A 21 -34.72 -9.07 -31.09
CA SER A 21 -35.34 -7.83 -31.62
C SER A 21 -34.34 -6.68 -31.62
N ASP A 23 -34.98 -3.76 -31.06
CA ASP A 23 -35.91 -2.85 -30.39
C ASP A 23 -35.88 -2.97 -28.84
N ASN A 24 -36.14 -1.85 -28.15
CA ASN A 24 -36.28 -1.87 -26.69
C ASN A 24 -37.67 -2.27 -26.21
N GLN A 25 -38.73 -1.66 -26.81
CA GLN A 25 -40.15 -1.88 -26.41
C GLN A 25 -40.56 -3.36 -26.33
N ILE A 26 -40.60 -4.05 -27.48
CA ILE A 26 -40.93 -5.50 -27.52
C ILE A 26 -40.04 -6.34 -26.57
N ARG A 27 -38.75 -5.99 -26.51
CA ARG A 27 -37.77 -6.69 -25.64
C ARG A 27 -37.88 -6.41 -24.12
N SER A 28 -38.25 -5.18 -23.76
CA SER A 28 -38.52 -4.83 -22.36
C SER A 28 -39.88 -5.39 -21.86
N VAL A 29 -40.91 -5.32 -22.70
CA VAL A 29 -42.22 -5.92 -22.41
C VAL A 29 -42.11 -7.42 -22.08
N ALA A 30 -41.27 -8.12 -22.84
CA ALA A 30 -40.97 -9.53 -22.57
C ALA A 30 -40.18 -9.71 -21.26
N GLU A 31 -39.15 -8.87 -21.05
CA GLU A 31 -38.38 -8.87 -19.80
C GLU A 31 -39.26 -8.72 -18.54
N LYS A 32 -40.22 -7.79 -18.61
CA LYS A 32 -41.19 -7.61 -17.51
C LYS A 32 -42.05 -8.88 -17.30
N ALA A 33 -42.66 -9.36 -18.38
CA ALA A 33 -43.51 -10.57 -18.39
C ALA A 33 -42.84 -11.78 -17.70
N LEU A 34 -41.56 -11.96 -17.99
CA LEU A 34 -40.76 -13.01 -17.34
C LEU A 34 -40.54 -12.77 -15.83
N SER A 35 -40.12 -11.56 -15.46
CA SER A 35 -39.79 -11.23 -14.05
C SER A 35 -41.02 -11.11 -13.13
N GLU A 36 -42.17 -10.75 -13.71
CA GLU A 36 -43.44 -10.63 -12.99
C GLU A 36 -44.17 -11.97 -12.85
N GLU A 37 -44.26 -12.71 -13.96
CA GLU A 37 -45.13 -13.87 -14.05
C GLU A 37 -44.40 -15.18 -13.97
N TRP A 38 -43.19 -15.22 -14.52
CA TRP A 38 -42.57 -16.49 -14.83
C TRP A 38 -41.43 -16.88 -13.89
N GLU A 41 -42.44 -18.11 -8.88
CA GLU A 41 -42.21 -19.32 -8.07
C GLU A 41 -43.25 -20.45 -8.30
N ASN A 42 -44.35 -20.13 -8.98
CA ASN A 42 -45.20 -21.20 -9.51
C ASN A 42 -44.73 -21.74 -10.85
N ASN A 43 -43.94 -20.92 -11.53
CA ASN A 43 -43.67 -21.11 -12.92
C ASN A 43 -42.21 -21.37 -13.19
N ILE A 44 -41.38 -21.24 -12.16
CA ILE A 44 -39.94 -21.37 -12.32
C ILE A 44 -39.55 -22.69 -12.96
N GLU A 45 -40.06 -23.80 -12.43
CA GLU A 45 -39.69 -25.09 -13.00
C GLU A 45 -40.23 -25.32 -14.41
N TYR A 46 -41.42 -24.80 -14.71
CA TYR A 46 -41.90 -24.82 -16.09
C TYR A 46 -40.95 -24.07 -17.00
N LEU A 47 -40.49 -22.92 -16.51
CA LEU A 47 -39.65 -22.00 -17.28
C LEU A 47 -38.32 -22.62 -17.56
N LEU A 48 -37.73 -23.15 -16.50
CA LEU A 48 -36.46 -23.83 -16.57
C LEU A 48 -36.57 -24.97 -17.56
N THR A 49 -37.66 -25.72 -17.49
CA THR A 49 -37.84 -26.85 -18.37
C THR A 49 -37.93 -26.39 -19.80
N PHE A 50 -38.65 -25.31 -20.02
CA PHE A 50 -38.82 -24.79 -21.35
C PHE A 50 -37.46 -24.36 -21.96
N LEU A 51 -36.72 -23.53 -21.21
CA LEU A 51 -35.45 -22.95 -21.67
C LEU A 51 -34.43 -24.00 -21.98
N ALA A 52 -34.36 -24.99 -21.10
CA ALA A 52 -33.45 -26.07 -21.31
C ALA A 52 -33.82 -26.83 -22.60
N GLU A 53 -35.11 -27.04 -22.86
CA GLU A 53 -35.51 -27.71 -24.08
C GLU A 53 -35.14 -26.89 -25.33
N GLN A 54 -35.28 -25.58 -25.22
CA GLN A 54 -35.01 -24.72 -26.34
C GLN A 54 -33.55 -24.78 -26.68
N ALA A 55 -32.72 -24.60 -25.64
CA ALA A 55 -31.28 -24.64 -25.80
C ALA A 55 -30.87 -25.97 -26.44
N ALA A 56 -31.53 -27.05 -26.03
CA ALA A 56 -31.18 -28.37 -26.54
C ALA A 56 -31.64 -28.63 -27.99
N PHE A 57 -32.88 -28.25 -28.31
CA PHE A 57 -33.54 -28.76 -29.52
C PHE A 57 -33.97 -27.73 -30.53
N SER A 58 -34.12 -26.48 -30.12
CA SER A 58 -34.54 -25.47 -31.07
C SER A 58 -33.62 -25.41 -32.29
N GLN A 59 -34.19 -25.37 -33.50
CA GLN A 59 -33.38 -25.23 -34.71
C GLN A 59 -32.95 -23.77 -34.96
N ASP A 60 -33.52 -22.86 -34.17
CA ASP A 60 -33.20 -21.45 -34.26
C ASP A 60 -32.04 -21.12 -33.33
N THR A 61 -30.92 -20.77 -33.95
CA THR A 61 -29.67 -20.41 -33.27
C THR A 61 -29.92 -19.46 -32.11
N THR A 62 -30.58 -18.35 -32.41
CA THR A 62 -30.62 -17.25 -31.49
C THR A 62 -31.49 -17.56 -30.26
N VAL A 63 -32.66 -18.17 -30.49
CA VAL A 63 -33.57 -18.59 -29.42
C VAL A 63 -32.83 -19.58 -28.55
N ALA A 64 -32.11 -20.50 -29.21
CA ALA A 64 -31.32 -21.52 -28.50
C ALA A 64 -30.29 -20.90 -27.57
N ALA A 65 -29.39 -20.08 -28.13
CA ALA A 65 -28.40 -19.35 -27.34
C ALA A 65 -29.05 -18.62 -26.17
N LEU A 66 -29.96 -17.69 -26.47
CA LEU A 66 -30.67 -16.93 -25.45
C LEU A 66 -31.18 -17.78 -24.28
N SER A 67 -31.81 -18.89 -24.61
CA SER A 67 -32.42 -19.75 -23.61
C SER A 67 -31.35 -20.35 -22.73
N ALA A 68 -30.28 -20.82 -23.37
CA ALA A 68 -29.14 -21.38 -22.67
C ALA A 68 -28.57 -20.36 -21.69
N VAL A 69 -28.36 -19.14 -22.19
CA VAL A 69 -27.87 -18.08 -21.31
C VAL A 69 -28.82 -17.79 -20.14
N LEU A 70 -30.10 -17.62 -20.47
CA LEU A 70 -31.15 -17.41 -19.50
C LEU A 70 -31.20 -18.52 -18.47
N PHE A 71 -31.20 -19.74 -18.99
CA PHE A 71 -31.19 -20.90 -18.14
C PHE A 71 -30.11 -20.78 -17.06
N ARG A 72 -28.88 -20.46 -17.51
CA ARG A 72 -27.74 -20.38 -16.62
C ARG A 72 -27.98 -19.34 -15.54
N LYS A 73 -28.38 -18.14 -15.95
CA LYS A 73 -28.64 -17.06 -15.00
C LYS A 73 -29.65 -17.49 -13.96
N LEU A 74 -30.81 -17.94 -14.43
CA LEU A 74 -31.94 -18.24 -13.56
C LEU A 74 -31.69 -19.43 -12.67
N ALA A 75 -30.89 -20.36 -13.16
CA ALA A 75 -30.55 -21.53 -12.40
C ALA A 75 -29.62 -21.27 -11.19
N LEU A 76 -28.76 -20.24 -11.23
CA LEU A 76 -28.05 -19.85 -9.98
C LEU A 76 -29.04 -19.19 -9.01
N LYS A 77 -29.80 -18.22 -9.55
CA LYS A 77 -30.75 -17.44 -8.77
C LYS A 77 -31.78 -18.32 -8.05
N ALA A 78 -32.13 -19.47 -8.66
CA ALA A 78 -33.26 -20.31 -8.21
C ALA A 78 -33.35 -20.60 -6.69
N PRO A 79 -32.29 -21.16 -6.08
CA PRO A 79 -31.22 -21.94 -6.69
C PRO A 79 -31.64 -23.42 -6.71
N ILE A 80 -30.98 -23.94 -7.77
CA ILE A 80 -31.01 -25.27 -8.37
C ILE A 80 -31.29 -26.38 -7.33
N THR A 81 -30.73 -26.19 -6.13
CA THR A 81 -30.95 -27.04 -4.96
C THR A 81 -32.43 -27.25 -4.63
N HIS A 82 -33.18 -26.15 -4.66
CA HIS A 82 -34.57 -26.11 -4.24
C HIS A 82 -35.55 -26.57 -5.35
N ILE A 83 -35.04 -27.10 -6.45
CA ILE A 83 -35.86 -27.60 -7.58
C ILE A 83 -36.30 -29.06 -7.38
N ARG A 84 -37.50 -29.42 -7.85
CA ARG A 84 -38.03 -30.79 -7.72
C ARG A 84 -37.14 -31.84 -8.42
N LYS A 85 -36.73 -32.86 -7.67
CA LYS A 85 -35.87 -33.92 -8.17
C LYS A 85 -36.43 -34.43 -9.50
N GLU A 86 -37.76 -34.57 -9.58
CA GLU A 86 -38.41 -35.07 -10.79
C GLU A 86 -38.09 -34.22 -12.03
N VAL A 87 -37.97 -32.91 -11.82
CA VAL A 87 -37.82 -31.97 -12.92
C VAL A 87 -36.32 -31.70 -13.20
N LEU A 88 -35.52 -31.65 -12.15
CA LEU A 88 -34.07 -31.64 -12.32
C LEU A 88 -33.66 -32.72 -13.30
N ALA A 89 -34.13 -33.95 -13.05
CA ALA A 89 -33.76 -35.08 -13.88
C ALA A 89 -34.09 -34.83 -15.37
N GLN A 90 -35.28 -34.27 -15.63
CA GLN A 90 -35.73 -34.03 -16.99
C GLN A 90 -34.89 -32.95 -17.67
N ILE A 91 -34.61 -31.90 -16.93
CA ILE A 91 -33.78 -30.80 -17.40
C ILE A 91 -32.37 -31.33 -17.75
N ARG A 92 -31.78 -32.03 -16.77
CA ARG A 92 -30.49 -32.66 -16.94
C ARG A 92 -30.44 -33.52 -18.18
N SER A 93 -31.46 -34.35 -18.40
CA SER A 93 -31.48 -35.24 -19.56
C SER A 93 -31.65 -34.51 -20.88
N SER A 94 -32.37 -33.41 -20.91
CA SER A 94 -32.58 -32.72 -22.19
C SER A 94 -31.36 -31.90 -22.55
N LEU A 95 -30.77 -31.27 -21.54
CA LEU A 95 -29.47 -30.59 -21.67
C LEU A 95 -28.40 -31.56 -22.21
N LEU A 96 -28.31 -32.73 -21.58
CA LEU A 96 -27.38 -33.72 -22.05
C LEU A 96 -27.69 -34.21 -23.47
N LYS A 97 -28.99 -34.39 -23.78
CA LYS A 97 -29.38 -34.83 -25.13
C LYS A 97 -28.94 -33.78 -26.16
N GLY A 98 -29.13 -32.51 -25.81
CA GLY A 98 -28.80 -31.42 -26.71
C GLY A 98 -27.32 -31.33 -26.91
N PHE A 99 -26.57 -31.53 -25.82
CA PHE A 99 -25.11 -31.48 -25.86
C PHE A 99 -24.58 -32.48 -26.89
N LEU A 100 -25.16 -33.69 -26.88
CA LEU A 100 -24.66 -34.77 -27.69
C LEU A 100 -25.23 -34.78 -29.11
N SER A 101 -26.21 -33.93 -29.37
CA SER A 101 -26.79 -33.83 -30.69
C SER A 101 -25.92 -32.96 -31.60
N GLU A 102 -26.51 -32.44 -32.66
CA GLU A 102 -25.83 -31.59 -33.61
C GLU A 102 -26.13 -30.15 -33.24
N ARG A 103 -25.15 -29.47 -32.65
CA ARG A 103 -25.29 -28.07 -32.28
C ARG A 103 -24.16 -27.21 -32.82
N ALA A 104 -24.49 -25.97 -33.19
CA ALA A 104 -23.47 -24.94 -33.48
C ALA A 104 -22.47 -24.81 -32.33
N ASP A 105 -21.20 -24.58 -32.67
CA ASP A 105 -20.13 -24.49 -31.66
C ASP A 105 -20.47 -23.54 -30.49
N SER A 106 -20.85 -22.32 -30.82
CA SER A 106 -21.25 -21.34 -29.80
C SER A 106 -22.38 -21.86 -28.88
N ILE A 107 -23.30 -22.65 -29.44
CA ILE A 107 -24.42 -23.17 -28.66
C ILE A 107 -24.01 -24.30 -27.75
N ARG A 108 -23.09 -25.14 -28.20
CA ARG A 108 -22.58 -26.16 -27.29
C ARG A 108 -21.89 -25.51 -26.10
N HIS A 109 -21.22 -24.38 -26.32
CA HIS A 109 -20.55 -23.67 -25.21
C HIS A 109 -21.53 -23.22 -24.19
N LYS A 110 -22.62 -22.63 -24.66
CA LYS A 110 -23.70 -22.18 -23.79
C LYS A 110 -24.42 -23.32 -23.04
N LEU A 111 -24.63 -24.43 -23.76
CA LEU A 111 -25.22 -25.64 -23.18
C LEU A 111 -24.34 -26.14 -22.06
N SER A 112 -23.03 -26.18 -22.34
CA SER A 112 -22.03 -26.63 -21.40
C SER A 112 -22.17 -25.82 -20.14
N ASP A 113 -22.39 -24.52 -20.28
CA ASP A 113 -22.39 -23.72 -19.10
C ASP A 113 -23.67 -23.87 -18.33
N ALA A 114 -24.74 -24.23 -19.03
CA ALA A 114 -26.03 -24.53 -18.36
C ALA A 114 -25.87 -25.82 -17.62
N ILE A 115 -25.29 -26.82 -18.27
CA ILE A 115 -25.06 -28.11 -17.67
C ILE A 115 -24.33 -27.91 -16.37
N ALA A 116 -23.27 -27.10 -16.40
CA ALA A 116 -22.49 -26.82 -15.21
C ALA A 116 -23.35 -26.36 -14.04
N GLU A 117 -24.42 -25.62 -14.34
CA GLU A 117 -25.32 -25.16 -13.29
C GLU A 117 -26.15 -26.28 -12.68
N CYS A 118 -26.10 -27.46 -13.26
CA CYS A 118 -26.87 -28.57 -12.72
C CYS A 118 -25.97 -29.58 -12.02
N VAL A 119 -24.72 -29.19 -11.78
CA VAL A 119 -23.82 -30.01 -10.97
C VAL A 119 -23.45 -29.25 -9.72
N GLN A 120 -23.69 -29.89 -8.57
CA GLN A 120 -23.58 -29.28 -7.28
C GLN A 120 -23.33 -30.43 -6.31
N ASP A 121 -22.47 -30.19 -5.34
CA ASP A 121 -22.14 -31.20 -4.32
C ASP A 121 -23.35 -31.88 -3.69
N ASP A 122 -24.39 -31.11 -3.34
CA ASP A 122 -25.57 -31.68 -2.68
C ASP A 122 -26.74 -32.03 -3.61
N LEU A 123 -26.55 -31.80 -4.90
CA LEU A 123 -27.49 -32.30 -5.90
C LEU A 123 -27.34 -33.83 -6.06
N PRO A 124 -28.45 -34.54 -6.40
CA PRO A 124 -28.34 -35.97 -6.71
C PRO A 124 -27.30 -36.24 -7.79
N ALA A 125 -26.59 -37.36 -7.67
CA ALA A 125 -25.51 -37.76 -8.57
C ALA A 125 -25.95 -37.78 -10.02
N TRP A 126 -25.05 -37.36 -10.91
CA TRP A 126 -25.38 -37.34 -12.32
C TRP A 126 -24.36 -38.13 -13.11
N PRO A 127 -24.42 -39.46 -13.03
CA PRO A 127 -23.35 -40.23 -13.63
C PRO A 127 -23.41 -40.24 -15.15
N GLU A 128 -24.54 -39.86 -15.71
CA GLU A 128 -24.69 -39.80 -17.15
C GLU A 128 -23.77 -38.73 -17.74
N LEU A 129 -23.55 -37.65 -16.99
CA LEU A 129 -22.69 -36.55 -17.44
C LEU A 129 -21.25 -36.98 -17.53
N LEU A 130 -20.71 -37.50 -16.43
CA LEU A 130 -19.42 -38.16 -16.43
C LEU A 130 -19.24 -39.04 -17.65
N GLN A 131 -20.18 -39.93 -17.88
CA GLN A 131 -20.13 -40.84 -19.00
C GLN A 131 -20.09 -40.08 -20.34
N ALA A 132 -20.87 -39.02 -20.47
CA ALA A 132 -20.95 -38.33 -21.73
C ALA A 132 -19.68 -37.55 -21.97
N LEU A 133 -19.12 -36.95 -20.91
CA LEU A 133 -17.78 -36.33 -20.99
C LEU A 133 -16.69 -37.31 -21.38
N ILE A 134 -16.60 -38.44 -20.69
CA ILE A 134 -15.54 -39.37 -20.97
C ILE A 134 -15.59 -39.74 -22.45
N GLU A 135 -16.80 -40.03 -22.97
CA GLU A 135 -16.98 -40.31 -24.37
C GLU A 135 -16.59 -39.13 -25.25
N SER A 136 -17.10 -37.95 -24.91
CA SER A 136 -16.89 -36.77 -25.74
C SER A 136 -15.44 -36.43 -25.87
N LEU A 137 -14.69 -36.60 -24.80
CA LEU A 137 -13.27 -36.31 -24.86
C LEU A 137 -12.59 -37.14 -25.93
N LYS A 138 -13.13 -38.32 -26.24
CA LYS A 138 -12.55 -39.24 -27.23
C LYS A 138 -13.07 -38.99 -28.65
N SER A 139 -14.14 -38.19 -28.79
CA SER A 139 -14.72 -37.88 -30.10
C SER A 139 -13.73 -37.15 -31.01
N GLY A 140 -13.88 -37.36 -32.31
CA GLY A 140 -13.01 -36.74 -33.30
C GLY A 140 -13.45 -35.35 -33.71
N ASN A 141 -14.57 -34.89 -33.13
CA ASN A 141 -15.02 -33.52 -33.32
C ASN A 141 -14.43 -32.63 -32.23
N PRO A 142 -13.55 -31.70 -32.62
CA PRO A 142 -12.87 -30.80 -31.69
C PRO A 142 -13.79 -30.12 -30.68
N ASN A 143 -14.96 -29.69 -31.14
CA ASN A 143 -15.86 -28.95 -30.28
C ASN A 143 -16.37 -29.81 -29.13
N PHE A 144 -16.48 -31.12 -29.36
CA PHE A 144 -16.85 -32.06 -28.30
C PHE A 144 -15.73 -32.11 -27.26
N ARG A 145 -14.51 -32.09 -27.73
CA ARG A 145 -13.42 -32.23 -26.82
C ARG A 145 -13.27 -30.93 -26.08
N GLU A 146 -13.25 -29.82 -26.80
CA GLU A 146 -13.14 -28.51 -26.20
C GLU A 146 -14.21 -28.30 -25.11
N SER A 147 -15.47 -28.52 -25.46
CA SER A 147 -16.60 -28.33 -24.55
C SER A 147 -16.53 -29.20 -23.32
N SER A 148 -15.94 -30.39 -23.47
CA SER A 148 -15.78 -31.25 -22.31
C SER A 148 -14.78 -30.69 -21.29
N PHE A 149 -13.66 -30.17 -21.77
CA PHE A 149 -12.72 -29.55 -20.88
C PHE A 149 -13.30 -28.31 -20.27
N ARG A 150 -14.13 -27.64 -21.04
CA ARG A 150 -14.77 -26.45 -20.53
C ARG A 150 -15.65 -26.81 -19.35
N ILE A 151 -16.40 -27.88 -19.45
CA ILE A 151 -17.28 -28.23 -18.36
C ILE A 151 -16.44 -28.57 -17.18
N LEU A 152 -15.30 -29.23 -17.40
CA LEU A 152 -14.39 -29.56 -16.31
C LEU A 152 -13.70 -28.30 -15.76
N THR A 153 -13.70 -27.23 -16.55
CA THR A 153 -13.19 -25.96 -16.04
C THR A 153 -14.22 -25.35 -15.11
N THR A 154 -15.50 -25.36 -15.48
CA THR A 154 -16.55 -24.82 -14.64
C THR A 154 -16.82 -25.68 -13.43
N VAL A 155 -16.74 -26.99 -13.58
CA VAL A 155 -17.05 -27.90 -12.49
C VAL A 155 -15.82 -28.77 -12.22
N PRO A 156 -14.79 -28.19 -11.60
CA PRO A 156 -13.56 -28.96 -11.49
C PRO A 156 -13.71 -30.19 -10.62
N TYR A 157 -14.69 -30.19 -9.72
CA TYR A 157 -14.87 -31.35 -8.86
C TYR A 157 -15.13 -32.65 -9.65
N LEU A 158 -15.68 -32.51 -10.86
CA LEU A 158 -15.88 -33.66 -11.75
C LEU A 158 -14.59 -34.39 -12.04
N ILE A 159 -13.48 -33.64 -12.02
CA ILE A 159 -12.17 -34.26 -12.19
C ILE A 159 -11.86 -35.24 -11.08
N THR A 160 -12.34 -34.99 -9.86
CA THR A 160 -12.17 -35.95 -8.76
C THR A 160 -13.00 -37.18 -8.93
N ALA A 161 -14.13 -37.06 -9.64
CA ALA A 161 -15.10 -38.15 -9.77
C ALA A 161 -14.64 -39.25 -10.74
N VAL A 162 -13.84 -38.87 -11.71
CA VAL A 162 -13.23 -39.79 -12.68
C VAL A 162 -12.06 -40.55 -12.07
N ASP A 163 -11.92 -41.82 -12.42
CA ASP A 163 -10.72 -42.60 -12.03
C ASP A 163 -9.42 -41.93 -12.46
N ILE A 164 -8.41 -41.94 -11.59
CA ILE A 164 -7.10 -41.28 -11.87
C ILE A 164 -6.41 -41.76 -13.15
N ASN A 165 -6.57 -43.06 -13.45
CA ASN A 165 -5.99 -43.65 -14.64
C ASN A 165 -6.80 -43.41 -15.90
N SER A 166 -7.92 -42.73 -15.77
CA SER A 166 -8.63 -42.23 -16.94
C SER A 166 -8.37 -40.73 -17.10
N ILE A 167 -8.33 -40.01 -15.99
CA ILE A 167 -8.20 -38.56 -16.04
C ILE A 167 -6.80 -38.11 -16.48
N LEU A 168 -5.78 -38.86 -16.08
CA LEU A 168 -4.42 -38.52 -16.45
C LEU A 168 -4.20 -38.61 -17.95
N PRO A 169 -4.60 -39.74 -18.57
CA PRO A 169 -4.51 -39.79 -20.05
C PRO A 169 -5.40 -38.78 -20.75
N ILE A 170 -6.48 -38.39 -20.11
CA ILE A 170 -7.38 -37.41 -20.70
C ILE A 170 -6.65 -36.08 -20.89
N PHE A 171 -5.89 -35.68 -19.88
CA PHE A 171 -5.13 -34.44 -19.96
C PHE A 171 -3.93 -34.52 -20.87
N GLN A 172 -3.29 -35.69 -20.89
CA GLN A 172 -2.10 -35.81 -21.71
C GLN A 172 -2.44 -35.77 -23.16
N SER A 173 -3.60 -36.33 -23.48
CA SER A 173 -4.19 -36.19 -24.79
C SER A 173 -4.62 -34.73 -25.02
N GLY A 174 -5.20 -34.12 -24.00
CA GLY A 174 -5.61 -32.73 -24.10
C GLY A 174 -4.48 -31.81 -24.56
N PHE A 175 -3.35 -31.85 -23.87
CA PHE A 175 -2.23 -30.93 -24.12
C PHE A 175 -1.64 -31.05 -25.52
N THR A 176 -1.93 -32.20 -26.14
CA THR A 176 -1.24 -32.77 -27.29
C THR A 176 -2.12 -32.71 -28.52
N ASP A 177 -3.38 -32.37 -28.31
CA ASP A 177 -4.42 -32.46 -29.32
C ASP A 177 -4.09 -31.71 -30.58
N ALA A 178 -4.63 -32.22 -31.68
CA ALA A 178 -4.50 -31.61 -32.99
C ALA A 178 -5.06 -30.21 -33.00
N SER A 179 -6.17 -29.99 -32.29
CA SER A 179 -6.88 -28.72 -32.33
C SER A 179 -6.39 -27.77 -31.27
N ASP A 180 -5.99 -26.59 -31.68
CA ASP A 180 -5.49 -25.58 -30.73
C ASP A 180 -6.52 -25.21 -29.69
N ASN A 181 -7.77 -25.14 -30.13
CA ASN A 181 -8.87 -24.82 -29.26
C ASN A 181 -8.99 -25.82 -28.08
N VAL A 182 -8.90 -27.10 -28.41
CA VAL A 182 -8.91 -28.17 -27.44
C VAL A 182 -7.72 -28.05 -26.50
N LYS A 183 -6.53 -27.78 -27.05
CA LYS A 183 -5.33 -27.59 -26.24
C LYS A 183 -5.49 -26.50 -25.18
N ILE A 184 -6.03 -25.36 -25.58
CA ILE A 184 -6.19 -24.24 -24.67
C ILE A 184 -7.20 -24.59 -23.59
N ALA A 185 -8.29 -25.24 -23.99
CA ALA A 185 -9.29 -25.65 -23.02
C ALA A 185 -8.78 -26.67 -22.03
N ALA A 186 -7.91 -27.58 -22.47
CA ALA A 186 -7.28 -28.54 -21.55
C ALA A 186 -6.34 -27.85 -20.56
N VAL A 187 -5.57 -26.89 -21.03
CA VAL A 187 -4.68 -26.22 -20.14
C VAL A 187 -5.53 -25.42 -19.16
N THR A 188 -6.61 -24.82 -19.66
CA THR A 188 -7.46 -24.03 -18.78
C THR A 188 -8.07 -24.89 -17.72
N ALA A 189 -8.53 -26.06 -18.12
CA ALA A 189 -9.14 -26.98 -17.18
C ALA A 189 -8.13 -27.45 -16.18
N PHE A 190 -6.93 -27.79 -16.67
CA PHE A 190 -5.87 -28.23 -15.79
C PHE A 190 -5.58 -27.17 -14.73
N VAL A 191 -5.40 -25.91 -15.13
CA VAL A 191 -5.02 -24.88 -14.16
C VAL A 191 -6.20 -24.54 -13.24
N GLY A 192 -7.38 -24.55 -13.81
CA GLY A 192 -8.61 -24.33 -13.06
C GLY A 192 -8.81 -25.28 -11.91
N TYR A 193 -8.44 -26.53 -12.13
CA TYR A 193 -8.37 -27.54 -11.08
C TYR A 193 -7.66 -27.04 -9.82
N PHE A 194 -6.47 -26.49 -9.99
CA PHE A 194 -5.72 -26.00 -8.86
C PHE A 194 -6.35 -24.77 -8.27
N LYS A 195 -6.92 -23.90 -9.07
CA LYS A 195 -7.51 -22.74 -8.45
C LYS A 195 -8.91 -22.94 -7.84
N GLN A 196 -9.55 -24.10 -8.03
CA GLN A 196 -10.81 -24.36 -7.37
C GLN A 196 -10.77 -25.44 -6.33
N LEU A 197 -9.81 -26.34 -6.39
CA LEU A 197 -9.68 -27.35 -5.36
C LEU A 197 -8.66 -27.06 -4.25
N PRO A 198 -8.91 -27.57 -3.03
CA PRO A 198 -7.93 -27.47 -1.95
C PRO A 198 -6.58 -28.10 -2.30
N LYS A 199 -5.51 -27.60 -1.69
CA LYS A 199 -4.15 -28.14 -1.93
C LYS A 199 -4.02 -29.65 -1.67
N SER A 200 -4.84 -30.18 -0.77
CA SER A 200 -4.75 -31.60 -0.45
C SER A 200 -4.98 -32.46 -1.69
N GLU A 201 -5.59 -31.84 -2.69
CA GLU A 201 -5.98 -32.50 -3.95
C GLU A 201 -4.99 -32.29 -5.09
N TRP A 202 -4.04 -31.39 -4.90
CA TRP A 202 -3.18 -30.94 -5.96
C TRP A 202 -2.21 -32.01 -6.44
N SER A 203 -1.74 -32.84 -5.52
CA SER A 203 -0.66 -33.81 -5.83
C SER A 203 -1.06 -34.82 -6.89
N LYS A 204 -2.30 -34.69 -7.33
CA LYS A 204 -3.02 -35.73 -7.99
C LYS A 204 -3.04 -35.38 -9.47
N LEU A 205 -3.01 -34.09 -9.75
CA LEU A 205 -2.75 -33.64 -11.10
C LEU A 205 -1.37 -33.08 -11.32
N GLY A 206 -0.72 -32.69 -10.21
CA GLY A 206 0.63 -32.11 -10.25
C GLY A 206 1.56 -32.80 -11.20
N ILE A 207 1.54 -34.15 -11.18
CA ILE A 207 2.51 -34.93 -11.94
C ILE A 207 2.45 -34.66 -13.44
N LEU A 208 1.42 -33.96 -13.88
CA LEU A 208 1.21 -33.70 -15.29
C LEU A 208 1.97 -32.52 -15.79
N LEU A 209 2.45 -31.67 -14.88
CA LEU A 209 3.05 -30.41 -15.35
C LEU A 209 4.08 -30.61 -16.45
N PRO A 210 5.02 -31.56 -16.26
CA PRO A 210 5.92 -31.99 -17.31
C PRO A 210 5.27 -32.16 -18.67
N SER A 211 4.14 -32.88 -18.75
CA SER A 211 3.53 -33.18 -20.03
C SER A 211 3.07 -31.90 -20.66
N LEU A 212 2.49 -31.02 -19.84
CA LEU A 212 2.10 -29.73 -20.33
C LEU A 212 3.33 -28.97 -20.84
N LEU A 213 4.35 -28.76 -19.99
CA LEU A 213 5.53 -28.02 -20.41
C LEU A 213 6.12 -28.61 -21.69
N ASN A 214 6.27 -29.94 -21.74
CA ASN A 214 6.80 -30.61 -22.92
C ASN A 214 6.03 -30.38 -24.19
N SER A 215 4.76 -30.05 -24.07
CA SER A 215 3.90 -29.90 -25.24
C SER A 215 3.99 -28.49 -25.79
N LEU A 216 4.75 -27.64 -25.12
CA LEU A 216 4.82 -26.24 -25.52
C LEU A 216 5.54 -26.01 -26.84
N PRO A 217 6.67 -26.69 -27.10
CA PRO A 217 7.35 -26.30 -28.31
C PRO A 217 6.54 -26.54 -29.55
N ARG A 218 5.56 -27.44 -29.46
CA ARG A 218 4.71 -27.74 -30.60
C ARG A 218 3.96 -26.53 -31.13
N PHE A 219 3.61 -25.58 -30.24
CA PHE A 219 2.94 -24.35 -30.67
C PHE A 219 3.80 -23.55 -31.64
N LEU A 220 5.10 -23.53 -31.36
CA LEU A 220 6.02 -22.80 -32.20
C LEU A 220 6.26 -23.48 -33.54
N ASP A 221 6.24 -24.81 -33.54
CA ASP A 221 6.42 -25.62 -34.74
C ASP A 221 5.29 -25.31 -35.73
N ASP A 222 4.05 -25.42 -35.23
CA ASP A 222 2.84 -25.13 -36.00
C ASP A 222 2.64 -23.64 -36.29
N GLY A 223 3.45 -22.82 -35.64
CA GLY A 223 3.44 -21.36 -35.85
C GLY A 223 2.18 -20.76 -35.30
N LYS A 224 1.82 -21.26 -34.13
CA LYS A 224 0.54 -20.94 -33.53
C LYS A 224 0.88 -20.26 -32.22
N ASP A 225 1.63 -19.16 -32.33
CA ASP A 225 2.10 -18.40 -31.18
C ASP A 225 0.98 -17.65 -30.47
N ASP A 226 -0.08 -17.33 -31.20
CA ASP A 226 -1.20 -16.65 -30.57
C ASP A 226 -1.93 -17.52 -29.52
N ALA A 227 -2.11 -18.78 -29.86
CA ALA A 227 -2.59 -19.75 -28.88
C ALA A 227 -1.53 -19.98 -27.81
N LEU A 228 -0.24 -19.85 -28.13
CA LEU A 228 0.80 -20.07 -27.13
C LEU A 228 0.61 -19.04 -26.04
N ALA A 229 0.29 -17.82 -26.45
CA ALA A 229 0.11 -16.76 -25.48
C ALA A 229 -0.98 -17.14 -24.47
N SER A 230 -2.12 -17.63 -24.94
CA SER A 230 -3.17 -18.12 -24.05
C SER A 230 -2.70 -19.15 -23.03
N VAL A 231 -1.92 -20.11 -23.51
CA VAL A 231 -1.31 -21.07 -22.61
C VAL A 231 -0.33 -20.43 -21.64
N PHE A 232 0.38 -19.41 -22.07
CA PHE A 232 1.30 -18.78 -21.16
C PHE A 232 0.53 -18.12 -20.03
N GLU A 233 -0.65 -17.61 -20.38
CA GLU A 233 -1.48 -16.97 -19.37
C GLU A 233 -1.98 -17.95 -18.32
N SER A 234 -2.37 -19.15 -18.72
CA SER A 234 -2.78 -20.11 -17.74
C SER A 234 -1.60 -20.55 -16.91
N LEU A 235 -0.45 -20.66 -17.54
CA LEU A 235 0.76 -21.02 -16.79
C LEU A 235 1.08 -19.95 -15.77
N ILE A 236 0.82 -18.69 -16.13
CA ILE A 236 1.11 -17.60 -15.20
C ILE A 236 0.25 -17.73 -13.96
N GLU A 237 -0.99 -18.18 -14.12
CA GLU A 237 -1.84 -18.37 -12.98
C GLU A 237 -1.32 -19.49 -12.11
N LEU A 238 -0.74 -20.51 -12.74
CA LEU A 238 -0.30 -21.68 -11.97
C LEU A 238 0.94 -21.31 -11.22
N VAL A 239 1.70 -20.32 -11.70
CA VAL A 239 2.87 -19.92 -10.98
C VAL A 239 2.47 -19.26 -9.67
N GLU A 240 1.37 -18.49 -9.70
CA GLU A 240 0.82 -17.88 -8.48
C GLU A 240 0.27 -18.86 -7.47
N LEU A 241 -0.13 -20.03 -7.94
CA LEU A 241 -0.76 -21.00 -7.11
C LEU A 241 0.23 -21.98 -6.58
N ALA A 242 1.15 -22.43 -7.44
CA ALA A 242 2.03 -23.58 -7.12
C ALA A 242 3.40 -23.49 -7.76
N PRO A 243 4.12 -22.39 -7.49
CA PRO A 243 5.37 -22.13 -8.18
C PRO A 243 6.39 -23.26 -8.03
N LYS A 244 6.49 -23.82 -6.83
CA LYS A 244 7.42 -24.92 -6.58
C LYS A 244 7.29 -26.09 -7.58
N LEU A 245 6.10 -26.25 -8.14
CA LEU A 245 5.80 -27.34 -9.03
C LEU A 245 6.72 -27.27 -10.26
N PHE A 246 7.17 -26.07 -10.60
CA PHE A 246 8.03 -25.90 -11.76
C PHE A 246 9.52 -26.09 -11.46
N LYS A 247 9.92 -26.19 -10.19
CA LYS A 247 11.34 -26.46 -9.82
C LYS A 247 11.76 -27.70 -10.58
N ASP A 248 12.98 -27.71 -11.08
CA ASP A 248 13.54 -28.92 -11.71
C ASP A 248 12.96 -29.26 -13.08
N MET A 249 11.93 -28.52 -13.51
CA MET A 249 11.75 -28.30 -14.95
C MET A 249 12.03 -26.82 -15.21
N PHE A 250 12.48 -26.13 -14.14
CA PHE A 250 12.78 -24.70 -14.17
C PHE A 250 13.58 -24.23 -15.37
N ASP A 251 14.73 -24.84 -15.60
CA ASP A 251 15.58 -24.43 -16.72
C ASP A 251 14.89 -24.68 -18.04
N GLN A 252 14.05 -25.71 -18.12
CA GLN A 252 13.45 -25.92 -19.41
C GLN A 252 12.43 -24.80 -19.73
N ILE A 253 11.69 -24.26 -18.75
CA ILE A 253 10.79 -23.15 -19.08
C ILE A 253 11.57 -21.90 -19.31
N ILE A 254 12.59 -21.66 -18.50
CA ILE A 254 13.44 -20.50 -18.66
C ILE A 254 14.03 -20.43 -20.07
N GLN A 255 14.62 -21.55 -20.53
CA GLN A 255 15.22 -21.61 -21.87
C GLN A 255 14.13 -21.39 -22.92
N PHE A 256 12.96 -21.98 -22.68
CA PHE A 256 11.89 -21.89 -23.62
C PHE A 256 11.36 -20.47 -23.72
N THR A 257 11.16 -19.79 -22.59
CA THR A 257 10.68 -18.42 -22.65
C THR A 257 11.73 -17.57 -23.32
N ASP A 258 13.00 -17.85 -23.02
CA ASP A 258 14.14 -17.18 -23.63
C ASP A 258 14.05 -17.32 -25.13
N MET A 259 13.90 -18.55 -25.58
CA MET A 259 13.75 -18.82 -27.00
C MET A 259 12.61 -18.04 -27.66
N VAL A 260 11.52 -17.85 -26.94
CA VAL A 260 10.36 -17.23 -27.53
C VAL A 260 10.50 -15.74 -27.61
N ILE A 261 11.07 -15.18 -26.56
CA ILE A 261 11.18 -13.72 -26.45
C ILE A 261 12.17 -13.21 -27.48
N LYS A 262 13.26 -13.95 -27.64
CA LYS A 262 14.28 -13.68 -28.66
C LYS A 262 13.79 -13.73 -30.10
N ASN A 263 12.84 -14.59 -30.38
CA ASN A 263 12.35 -14.72 -31.74
C ASN A 263 11.49 -13.51 -32.13
N LYS A 264 12.12 -12.47 -32.67
CA LYS A 264 11.41 -11.19 -32.72
C LYS A 264 10.60 -10.88 -33.98
N ASP A 265 10.25 -11.93 -34.72
CA ASP A 265 9.23 -11.81 -35.77
C ASP A 265 7.98 -12.60 -35.37
N LEU A 266 7.84 -12.77 -34.06
CA LEU A 266 6.60 -13.18 -33.45
C LEU A 266 5.90 -11.89 -33.12
N GLU A 267 4.59 -11.84 -33.26
CA GLU A 267 3.85 -10.70 -32.76
C GLU A 267 4.18 -10.65 -31.28
N PRO A 268 3.99 -9.51 -30.65
CA PRO A 268 4.35 -9.32 -29.26
C PRO A 268 3.59 -10.14 -28.19
N PRO A 269 2.25 -10.36 -28.34
CA PRO A 269 1.50 -11.14 -27.36
C PRO A 269 2.26 -12.35 -26.75
N ALA A 270 2.77 -13.23 -27.61
CA ALA A 270 3.48 -14.40 -27.12
C ALA A 270 4.79 -14.03 -26.46
N ARG A 271 5.35 -12.89 -26.82
CA ARG A 271 6.64 -12.49 -26.28
C ARG A 271 6.48 -11.83 -24.93
N THR A 272 5.42 -11.02 -24.78
CA THR A 272 5.15 -10.31 -23.52
C THR A 272 4.56 -11.22 -22.45
N THR A 273 3.75 -12.18 -22.87
CA THR A 273 3.24 -13.15 -21.90
C THR A 273 4.36 -14.08 -21.47
N ALA A 274 5.21 -14.51 -22.40
CA ALA A 274 6.39 -15.29 -22.01
C ALA A 274 7.25 -14.51 -21.03
N LEU A 275 7.40 -13.20 -21.25
CA LEU A 275 8.12 -12.35 -20.31
C LEU A 275 7.45 -12.37 -18.94
N GLU A 276 6.15 -12.19 -18.94
CA GLU A 276 5.38 -12.17 -17.70
C GLU A 276 5.58 -13.47 -16.91
N LEU A 277 5.50 -14.60 -17.62
CA LEU A 277 5.74 -15.90 -17.02
C LEU A 277 7.05 -15.86 -16.31
N LEU A 278 8.10 -15.49 -17.03
CA LEU A 278 9.41 -15.35 -16.41
C LEU A 278 9.38 -14.49 -15.16
N THR A 279 8.81 -13.29 -15.26
CA THR A 279 8.95 -12.34 -14.16
C THR A 279 8.12 -12.74 -12.92
N VAL A 280 6.99 -13.39 -13.16
CA VAL A 280 6.07 -13.74 -12.11
C VAL A 280 6.66 -14.75 -11.12
N PHE A 281 7.65 -15.52 -11.59
CA PHE A 281 8.33 -16.47 -10.73
C PHE A 281 9.01 -15.73 -9.63
N SER A 282 9.58 -14.58 -9.94
CA SER A 282 10.32 -13.82 -8.95
C SER A 282 9.39 -13.25 -7.88
N GLU A 283 8.12 -13.06 -8.20
CA GLU A 283 7.19 -12.55 -7.17
C GLU A 283 6.49 -13.67 -6.35
N ASN A 284 6.67 -14.92 -6.76
CA ASN A 284 6.00 -16.04 -6.13
C ASN A 284 6.94 -17.13 -5.59
N ALA A 285 8.14 -17.15 -6.14
CA ALA A 285 9.16 -18.04 -5.64
C ALA A 285 10.55 -17.38 -5.72
N PRO A 286 10.81 -16.37 -4.86
CA PRO A 286 12.11 -15.69 -4.95
C PRO A 286 13.28 -16.57 -4.59
N GLN A 287 13.16 -17.48 -3.61
CA GLN A 287 14.30 -18.33 -3.24
C GLN A 287 14.69 -19.24 -4.36
N MET A 288 13.68 -19.80 -5.03
CA MET A 288 13.89 -20.61 -6.22
C MET A 288 14.66 -19.91 -7.35
N CYS A 289 14.39 -18.63 -7.55
CA CYS A 289 14.92 -17.86 -8.64
C CYS A 289 16.35 -17.48 -8.35
N LYS A 290 16.55 -17.17 -7.08
CA LYS A 290 17.83 -16.86 -6.51
C LYS A 290 18.73 -18.09 -6.54
N SER A 291 18.15 -19.25 -6.28
CA SER A 291 18.97 -20.45 -6.24
C SER A 291 19.27 -20.98 -7.66
N ASN A 292 18.75 -20.33 -8.69
CA ASN A 292 19.21 -20.64 -10.03
C ASN A 292 19.90 -19.55 -10.83
N GLN A 293 21.17 -19.77 -11.14
CA GLN A 293 22.00 -18.75 -11.79
C GLN A 293 21.37 -18.31 -13.09
N ASN A 294 20.66 -19.25 -13.69
CA ASN A 294 20.17 -19.08 -15.03
C ASN A 294 18.99 -18.12 -15.20
N TYR A 295 18.14 -18.06 -14.17
CA TYR A 295 17.00 -17.15 -14.13
C TYR A 295 17.42 -15.69 -14.33
N GLY A 296 18.15 -15.16 -13.36
CA GLY A 296 18.60 -13.77 -13.39
C GLY A 296 19.31 -13.43 -14.67
N GLN A 297 20.08 -14.39 -15.18
CA GLN A 297 20.87 -14.18 -16.36
C GLN A 297 19.99 -14.04 -17.63
N THR A 298 19.06 -14.97 -17.78
CA THR A 298 18.14 -14.94 -18.90
C THR A 298 17.22 -13.72 -18.78
N LEU A 299 16.75 -13.45 -17.57
CA LEU A 299 15.81 -12.35 -17.35
C LEU A 299 16.43 -11.03 -17.80
N VAL A 300 17.66 -10.78 -17.36
CA VAL A 300 18.36 -9.55 -17.69
C VAL A 300 18.61 -9.50 -19.19
N MET A 301 19.20 -10.57 -19.71
CA MET A 301 19.51 -10.63 -21.12
C MET A 301 18.25 -10.29 -21.95
N VAL A 302 17.18 -11.00 -21.65
CA VAL A 302 15.93 -10.88 -22.39
C VAL A 302 15.29 -9.49 -22.27
N THR A 303 15.34 -8.87 -21.09
CA THR A 303 14.72 -7.55 -20.93
C THR A 303 15.52 -6.48 -21.66
N LEU A 304 16.84 -6.63 -21.65
CA LEU A 304 17.67 -5.71 -22.38
C LEU A 304 17.42 -5.75 -23.87
N ILE A 305 17.14 -6.94 -24.40
CA ILE A 305 16.81 -7.09 -25.82
C ILE A 305 15.52 -6.35 -26.16
N MET A 306 14.54 -6.46 -25.27
CA MET A 306 13.23 -5.87 -25.52
C MET A 306 13.26 -4.38 -25.44
N MET A 307 14.08 -3.82 -24.55
CA MET A 307 14.15 -2.38 -24.34
C MET A 307 14.82 -1.71 -25.52
N THR A 308 15.32 -2.53 -26.43
CA THR A 308 15.98 -2.08 -27.62
C THR A 308 14.94 -1.70 -28.67
N GLU A 309 13.73 -2.22 -28.51
CA GLU A 309 12.70 -2.12 -29.54
C GLU A 309 11.91 -0.82 -29.44
N VAL A 310 12.59 0.27 -29.81
CA VAL A 310 12.03 1.62 -29.84
C VAL A 310 12.29 2.35 -31.17
N SER A 311 11.42 3.29 -31.49
CA SER A 311 11.59 4.13 -32.68
C SER A 311 11.84 3.26 -33.94
N ILE A 312 11.19 2.10 -33.99
CA ILE A 312 11.40 1.16 -35.11
C ILE A 312 11.07 1.86 -36.44
N ASP A 313 11.86 1.57 -37.48
CA ASP A 313 11.71 2.24 -38.77
C ASP A 313 11.86 3.75 -38.65
N ASP A 314 12.64 4.22 -37.66
CA ASP A 314 12.81 5.64 -37.46
C ASP A 314 14.08 5.93 -36.70
N ASP A 315 15.22 5.72 -37.36
CA ASP A 315 16.52 5.90 -36.70
C ASP A 315 16.83 7.26 -36.10
N ASP A 316 16.21 8.30 -36.65
CA ASP A 316 16.44 9.69 -36.23
C ASP A 316 15.63 10.02 -35.01
N ALA A 317 14.57 9.23 -34.79
CA ALA A 317 13.62 9.50 -33.73
C ALA A 317 12.76 10.70 -34.07
N ALA A 318 12.86 11.19 -35.29
CA ALA A 318 12.02 12.28 -35.73
C ALA A 318 10.63 12.24 -35.08
N GLU A 319 9.91 11.12 -35.19
CA GLU A 319 8.55 11.07 -34.63
C GLU A 319 8.53 11.40 -33.13
N TRP A 320 9.65 11.25 -32.44
CA TRP A 320 9.63 11.29 -31.00
C TRP A 320 9.94 12.67 -30.46
N ILE A 321 10.87 13.33 -31.13
CA ILE A 321 11.26 14.70 -30.82
C ILE A 321 10.09 15.67 -30.91
N GLU A 322 9.17 15.37 -31.84
CA GLU A 322 8.05 16.25 -32.15
C GLU A 322 6.87 16.07 -31.21
N SER A 323 6.89 14.99 -30.44
CA SER A 323 5.76 14.68 -29.61
C SER A 323 5.95 15.18 -28.18
N ASP A 324 4.94 14.99 -27.36
CA ASP A 324 5.06 15.53 -26.03
C ASP A 324 5.59 14.49 -25.07
N ASP A 325 5.93 14.95 -23.88
CA ASP A 325 6.73 14.18 -22.94
C ASP A 325 5.94 13.03 -22.29
N THR A 326 4.69 12.86 -22.70
CA THR A 326 3.94 11.65 -22.33
C THR A 326 4.59 10.46 -23.03
N ASP A 327 4.30 9.25 -22.55
CA ASP A 327 4.85 8.04 -23.18
C ASP A 327 4.12 7.62 -24.44
N ASP A 328 4.89 7.16 -25.43
CA ASP A 328 4.31 6.44 -26.55
C ASP A 328 4.00 5.02 -26.11
N GLU A 329 2.74 4.82 -25.73
CA GLU A 329 2.28 3.53 -25.25
C GLU A 329 2.17 2.50 -26.38
N GLU A 330 2.43 2.93 -27.63
CA GLU A 330 2.60 1.98 -28.73
C GLU A 330 3.96 1.24 -28.69
N GLU A 331 4.87 1.62 -27.79
CA GLU A 331 6.14 0.89 -27.61
C GLU A 331 6.00 -0.16 -26.50
N VAL A 332 5.21 -1.17 -26.85
CA VAL A 332 4.66 -2.14 -25.92
C VAL A 332 5.73 -3.02 -25.26
N THR A 333 6.54 -3.67 -26.09
CA THR A 333 7.55 -4.62 -25.60
C THR A 333 8.62 -3.92 -24.76
N TYR A 334 8.96 -2.69 -25.18
CA TYR A 334 9.86 -1.89 -24.40
C TYR A 334 9.29 -1.56 -23.03
N ASP A 335 8.00 -1.21 -23.01
CA ASP A 335 7.32 -0.82 -21.76
C ASP A 335 7.29 -1.99 -20.80
N HIS A 336 6.88 -3.15 -21.31
CA HIS A 336 6.83 -4.39 -20.53
C HIS A 336 8.16 -4.78 -19.97
N ALA A 337 9.22 -4.64 -20.76
CA ALA A 337 10.59 -5.00 -20.35
C ALA A 337 11.07 -4.20 -19.15
N ARG A 338 10.84 -2.90 -19.14
CA ARG A 338 11.30 -2.11 -18.01
C ARG A 338 10.48 -2.39 -16.78
N GLN A 339 9.18 -2.61 -16.96
CA GLN A 339 8.33 -2.92 -15.83
C GLN A 339 8.82 -4.22 -15.23
N ALA A 340 9.17 -5.17 -16.11
CA ALA A 340 9.66 -6.47 -15.70
C ALA A 340 10.95 -6.33 -14.91
N LEU A 341 11.94 -5.66 -15.50
CA LEU A 341 13.22 -5.53 -14.85
C LEU A 341 13.03 -4.93 -13.46
N LYS A 342 12.23 -3.86 -13.40
CA LYS A 342 11.93 -3.23 -12.14
C LYS A 342 11.38 -4.23 -11.14
N ARG A 343 10.32 -4.94 -11.54
CA ARG A 343 9.60 -5.89 -10.67
C ARG A 343 10.49 -7.00 -10.11
N VAL A 344 11.34 -7.52 -10.98
CA VAL A 344 12.23 -8.60 -10.60
C VAL A 344 13.29 -8.06 -9.65
N ALA A 345 13.90 -6.94 -10.07
CA ALA A 345 14.92 -6.30 -9.27
C ALA A 345 14.38 -6.09 -7.88
N LEU A 346 13.13 -5.66 -7.77
CA LEU A 346 12.54 -5.38 -6.46
C LEU A 346 12.55 -6.59 -5.57
N LYS A 347 12.17 -7.73 -6.13
CA LYS A 347 11.97 -8.95 -5.34
C LYS A 347 13.23 -9.74 -5.06
N LEU A 348 14.19 -9.67 -5.97
CA LEU A 348 15.42 -10.44 -5.83
C LEU A 348 16.59 -9.63 -5.22
N GLY A 349 16.55 -8.31 -5.34
CA GLY A 349 17.64 -7.47 -4.84
C GLY A 349 18.88 -7.46 -5.72
N GLY A 350 19.78 -6.54 -5.42
CA GLY A 350 21.04 -6.36 -6.14
C GLY A 350 22.05 -7.44 -5.82
N GLU A 351 22.00 -7.94 -4.57
CA GLU A 351 22.79 -9.11 -4.14
C GLU A 351 22.85 -10.06 -5.31
N TYR A 352 21.65 -10.43 -5.77
CA TYR A 352 21.47 -11.37 -6.86
C TYR A 352 21.72 -10.82 -8.29
N LEU A 353 21.20 -9.65 -8.68
CA LEU A 353 21.43 -9.26 -10.08
C LEU A 353 22.42 -8.16 -10.49
N ALA A 354 23.12 -7.50 -9.55
CA ALA A 354 24.08 -6.49 -9.97
C ALA A 354 25.04 -7.10 -10.97
N ALA A 355 25.66 -8.20 -10.54
CA ALA A 355 26.67 -8.90 -11.32
C ALA A 355 26.25 -9.14 -12.80
N PRO A 356 25.17 -9.93 -13.03
CA PRO A 356 24.75 -10.17 -14.41
C PRO A 356 24.31 -8.90 -15.16
N LEU A 357 23.69 -7.97 -14.43
CA LEU A 357 23.20 -6.73 -15.01
C LEU A 357 24.39 -5.99 -15.57
N PHE A 358 25.39 -5.78 -14.72
CA PHE A 358 26.56 -5.02 -15.15
C PHE A 358 27.34 -5.67 -16.28
N GLN A 359 27.41 -7.00 -16.29
CA GLN A 359 28.04 -7.73 -17.39
C GLN A 359 27.50 -7.23 -18.73
N TYR A 360 26.20 -6.97 -18.76
CA TYR A 360 25.51 -6.55 -19.97
C TYR A 360 25.52 -5.04 -20.22
N LEU A 361 25.39 -4.26 -19.15
CA LEU A 361 25.47 -2.81 -19.25
C LEU A 361 26.79 -2.36 -19.89
N GLN A 362 27.91 -2.85 -19.35
CA GLN A 362 29.24 -2.43 -19.80
C GLN A 362 29.27 -2.48 -21.32
N GLN A 363 28.71 -3.56 -21.87
CA GLN A 363 28.76 -3.87 -23.28
C GLN A 363 27.90 -2.90 -24.11
N MET A 364 26.62 -2.77 -23.74
CA MET A 364 25.65 -1.93 -24.47
C MET A 364 25.91 -0.43 -24.40
N ILE A 365 26.44 0.05 -23.26
CA ILE A 365 26.86 1.45 -23.10
C ILE A 365 27.74 1.89 -24.27
N THR A 366 28.58 0.98 -24.77
CA THR A 366 29.57 1.29 -25.80
C THR A 366 29.18 0.86 -27.23
N SER A 367 27.97 0.34 -27.40
CA SER A 367 27.50 -0.03 -28.74
C SER A 367 27.43 1.16 -29.70
N THR A 368 27.47 0.83 -30.99
CA THR A 368 27.29 1.80 -32.05
C THR A 368 25.79 1.94 -32.43
N GLU A 369 24.97 1.05 -31.87
CA GLU A 369 23.54 1.15 -31.99
C GLU A 369 23.08 2.07 -30.87
N TRP A 370 22.45 3.17 -31.23
CA TRP A 370 21.97 4.10 -30.20
C TRP A 370 20.97 3.43 -29.27
N ARG A 371 20.07 2.67 -29.90
CA ARG A 371 19.02 1.91 -29.23
C ARG A 371 19.56 1.06 -28.07
N GLU A 372 20.79 0.58 -28.20
CA GLU A 372 21.38 -0.22 -27.14
C GLU A 372 21.96 0.63 -26.03
N ARG A 373 22.41 1.83 -26.39
CA ARG A 373 23.00 2.71 -25.41
C ARG A 373 21.88 3.24 -24.54
N PHE A 374 20.75 3.50 -25.22
CA PHE A 374 19.49 3.91 -24.62
C PHE A 374 19.02 2.84 -23.64
N ALA A 375 18.80 1.63 -24.17
CA ALA A 375 18.38 0.49 -23.38
C ALA A 375 19.17 0.34 -22.05
N ALA A 376 20.49 0.55 -22.13
CA ALA A 376 21.34 0.44 -20.96
C ALA A 376 20.96 1.45 -19.87
N MET A 377 20.63 2.67 -20.30
CA MET A 377 20.23 3.72 -19.36
C MET A 377 18.89 3.41 -18.71
N MET A 378 17.95 3.00 -19.56
CA MET A 378 16.62 2.70 -19.11
C MET A 378 16.64 1.53 -18.16
N ALA A 379 17.46 0.52 -18.47
CA ALA A 379 17.59 -0.64 -17.62
C ALA A 379 18.11 -0.32 -16.22
N LEU A 380 19.16 0.48 -16.12
CA LEU A 380 19.76 0.81 -14.84
C LEU A 380 18.71 1.57 -14.05
N SER A 381 18.01 2.41 -14.81
CA SER A 381 16.97 3.27 -14.29
C SER A 381 15.81 2.45 -13.73
N SER A 382 15.43 1.38 -14.43
CA SER A 382 14.39 0.46 -13.97
C SER A 382 14.82 -0.39 -12.78
N ALA A 383 16.10 -0.75 -12.75
CA ALA A 383 16.61 -1.64 -11.71
C ALA A 383 17.05 -0.92 -10.46
N ALA A 384 17.21 0.40 -10.55
CA ALA A 384 17.85 1.14 -9.46
C ALA A 384 17.21 1.00 -8.06
N LYS A 385 15.90 1.18 -7.96
CA LYS A 385 15.28 1.00 -6.65
C LYS A 385 15.62 -0.38 -6.09
N GLY A 386 15.22 -1.41 -6.83
CA GLY A 386 15.42 -2.78 -6.40
C GLY A 386 16.83 -3.10 -5.93
N CYS A 387 17.82 -2.71 -6.73
CA CYS A 387 19.22 -2.97 -6.43
C CYS A 387 19.87 -1.89 -5.57
N ALA A 388 19.06 -1.01 -4.99
CA ALA A 388 19.58 0.02 -4.08
C ALA A 388 20.66 -0.52 -3.12
N ASP A 389 20.34 -1.64 -2.46
CA ASP A 389 21.23 -2.28 -1.48
C ASP A 389 22.70 -2.47 -1.91
N VAL A 390 22.93 -2.74 -3.19
CA VAL A 390 24.28 -2.94 -3.70
C VAL A 390 24.77 -1.69 -4.40
N LEU A 391 23.87 -1.08 -5.17
CA LEU A 391 24.23 0.02 -6.05
C LEU A 391 24.51 1.35 -5.33
N ILE A 392 23.99 1.52 -4.11
CA ILE A 392 24.25 2.73 -3.31
C ILE A 392 25.75 2.94 -3.04
N GLY A 393 26.51 1.86 -3.17
CA GLY A 393 27.95 1.92 -2.96
C GLY A 393 28.78 1.77 -4.22
N GLU A 394 28.16 1.74 -5.39
CA GLU A 394 28.92 1.71 -6.67
C GLU A 394 28.52 2.93 -7.50
N ILE A 395 28.31 3.99 -6.74
CA ILE A 395 27.72 5.22 -7.20
C ILE A 395 28.62 6.00 -8.18
N PRO A 396 29.92 6.16 -7.85
CA PRO A 396 30.74 6.81 -8.87
C PRO A 396 30.86 5.96 -10.13
N LYS A 397 30.88 4.63 -9.97
CA LYS A 397 30.99 3.69 -11.09
C LYS A 397 29.84 3.93 -12.07
N ILE A 398 28.63 4.03 -11.52
CA ILE A 398 27.39 4.37 -12.27
C ILE A 398 27.53 5.67 -13.08
N LEU A 399 27.97 6.73 -12.39
CA LEU A 399 28.10 8.05 -12.99
C LEU A 399 29.11 8.01 -14.14
N ASP A 400 30.20 7.27 -13.94
CA ASP A 400 31.25 7.15 -14.93
C ASP A 400 30.73 6.58 -16.25
N MET A 401 29.76 5.68 -16.17
CA MET A 401 29.19 5.02 -17.36
C MET A 401 28.12 5.87 -18.00
N VAL A 402 27.34 6.49 -17.13
CA VAL A 402 26.15 7.25 -17.49
C VAL A 402 26.53 8.60 -18.13
N ILE A 403 27.32 9.38 -17.38
CA ILE A 403 27.57 10.78 -17.72
C ILE A 403 28.19 11.01 -19.12
N PRO A 404 29.14 10.17 -19.56
CA PRO A 404 29.60 10.28 -20.96
C PRO A 404 28.45 10.38 -21.97
N LEU A 405 27.33 9.71 -21.70
CA LEU A 405 26.25 9.68 -22.67
C LEU A 405 25.35 10.91 -22.61
N ILE A 406 25.51 11.73 -21.57
CA ILE A 406 24.73 12.97 -21.39
C ILE A 406 24.78 13.78 -22.70
N ASN A 407 25.89 13.62 -23.43
CA ASN A 407 26.16 14.37 -24.67
C ASN A 407 26.14 13.51 -25.92
N ASP A 408 25.59 12.31 -25.80
CA ASP A 408 25.51 11.38 -26.90
C ASP A 408 24.96 12.04 -28.17
N PRO A 409 25.55 11.72 -29.34
CA PRO A 409 24.98 12.12 -30.62
C PRO A 409 23.46 12.06 -30.63
N HIS A 410 22.89 10.96 -30.14
CA HIS A 410 21.45 10.73 -30.27
C HIS A 410 20.64 11.30 -29.11
N PRO A 411 19.59 12.09 -29.42
CA PRO A 411 18.84 12.75 -28.36
C PRO A 411 18.13 11.79 -27.38
N ARG A 412 17.64 10.66 -27.87
CA ARG A 412 16.99 9.72 -27.00
C ARG A 412 17.95 9.08 -26.01
N VAL A 413 19.21 8.92 -26.40
CA VAL A 413 20.20 8.42 -25.44
C VAL A 413 20.40 9.48 -24.36
N GLN A 414 20.35 10.75 -24.77
CA GLN A 414 20.47 11.88 -23.86
C GLN A 414 19.33 11.88 -22.85
N TYR A 415 18.10 11.78 -23.37
CA TYR A 415 16.87 11.63 -22.58
C TYR A 415 17.04 10.51 -21.56
N GLY A 416 17.49 9.38 -22.09
CA GLY A 416 17.79 8.20 -21.30
C GLY A 416 18.75 8.48 -20.15
N CYS A 417 19.80 9.23 -20.48
CA CYS A 417 20.82 9.55 -19.50
C CYS A 417 20.26 10.44 -18.38
N CYS A 418 19.47 11.44 -18.79
CA CYS A 418 18.75 12.31 -17.84
C CYS A 418 17.88 11.50 -16.88
N ASN A 419 17.13 10.57 -17.45
CA ASN A 419 16.29 9.71 -16.65
C ASN A 419 17.04 8.99 -15.52
N VAL A 420 18.14 8.29 -15.84
CA VAL A 420 18.90 7.57 -14.82
C VAL A 420 19.33 8.50 -13.71
N LEU A 421 19.88 9.65 -14.11
CA LEU A 421 20.35 10.66 -13.18
C LEU A 421 19.22 11.07 -12.24
N GLY A 422 18.04 11.27 -12.82
CA GLY A 422 16.84 11.58 -12.06
C GLY A 422 16.40 10.45 -11.13
N GLN A 423 16.30 9.25 -11.69
CA GLN A 423 15.80 8.08 -10.97
C GLN A 423 16.68 7.75 -9.74
N ILE A 424 17.99 7.72 -10.00
CA ILE A 424 19.05 7.53 -9.02
C ILE A 424 19.00 8.56 -7.88
N SER A 425 18.83 9.84 -8.22
CA SER A 425 18.72 10.93 -7.25
C SER A 425 17.65 10.64 -6.20
N THR A 426 16.60 9.94 -6.63
CA THR A 426 15.49 9.63 -5.74
C THR A 426 15.83 8.43 -4.91
N LYS A 427 16.19 7.35 -5.57
CA LYS A 427 16.37 6.13 -4.82
C LYS A 427 17.53 6.25 -3.83
N PHE A 428 18.65 6.84 -4.25
CA PHE A 428 19.81 6.87 -3.35
C PHE A 428 19.86 8.10 -2.44
N SER A 429 18.74 8.80 -2.34
CA SER A 429 18.66 9.95 -1.43
C SER A 429 18.67 9.48 0.03
N PRO A 430 19.13 10.33 0.98
CA PRO A 430 19.72 11.68 0.85
C PRO A 430 21.22 11.69 0.51
N PHE A 431 21.80 10.51 0.35
CA PHE A 431 23.24 10.41 0.31
C PHE A 431 23.79 10.92 -1.01
N ILE A 432 23.04 10.72 -2.07
CA ILE A 432 23.52 11.10 -3.40
C ILE A 432 23.59 12.64 -3.60
N GLN A 433 22.65 13.35 -2.95
CA GLN A 433 22.63 14.81 -2.92
C GLN A 433 23.96 15.31 -2.30
N ARG A 434 24.35 14.71 -1.18
CA ARG A 434 25.58 15.05 -0.46
C ARG A 434 26.88 14.68 -1.19
N THR A 435 26.78 13.75 -2.12
CA THR A 435 27.95 13.11 -2.67
C THR A 435 28.28 13.48 -4.10
N ALA A 436 27.26 13.85 -4.85
CA ALA A 436 27.41 13.87 -6.30
C ALA A 436 26.88 15.12 -6.96
N HIS A 437 26.49 16.09 -6.12
CA HIS A 437 25.98 17.38 -6.60
C HIS A 437 26.91 17.98 -7.65
N ASP A 438 28.22 17.89 -7.38
CA ASP A 438 29.28 18.41 -8.23
C ASP A 438 29.30 17.77 -9.64
N ARG A 439 28.80 16.54 -9.73
CA ARG A 439 28.77 15.81 -11.00
C ARG A 439 27.39 15.86 -11.61
N ILE A 440 26.37 15.76 -10.76
CA ILE A 440 24.98 15.64 -11.24
C ILE A 440 24.41 16.97 -11.74
N LEU A 441 24.54 18.00 -10.91
CA LEU A 441 23.92 19.29 -11.21
C LEU A 441 24.43 19.92 -12.51
N PRO A 442 25.76 19.99 -12.68
CA PRO A 442 26.27 20.48 -13.96
C PRO A 442 25.77 19.64 -15.15
N ALA A 443 25.79 18.31 -15.01
CA ALA A 443 25.34 17.41 -16.08
C ALA A 443 23.94 17.79 -16.50
N LEU A 444 23.03 17.89 -15.53
CA LEU A 444 21.64 18.23 -15.77
C LEU A 444 21.44 19.65 -16.25
N ILE A 445 22.03 20.60 -15.53
CA ILE A 445 21.94 22.00 -15.89
C ILE A 445 22.36 22.22 -17.36
N SER A 446 23.42 21.53 -17.81
CA SER A 446 23.92 21.65 -19.18
C SER A 446 22.88 21.23 -20.21
N LYS A 447 21.96 20.36 -19.80
CA LYS A 447 20.93 19.93 -20.75
C LYS A 447 19.76 20.91 -20.84
N LEU A 448 19.68 21.84 -19.90
CA LEU A 448 18.65 22.88 -19.97
C LEU A 448 18.80 23.86 -21.15
N THR A 449 20.04 24.05 -21.62
CA THR A 449 20.36 25.04 -22.69
C THR A 449 19.69 24.70 -24.02
N SER A 450 19.38 25.73 -24.81
CA SER A 450 18.63 25.53 -26.08
C SER A 450 19.46 24.88 -27.18
N GLU A 451 20.73 24.58 -26.89
CA GLU A 451 21.53 23.65 -27.69
C GLU A 451 20.77 22.31 -27.84
N CYS A 452 20.29 21.78 -26.70
CA CYS A 452 19.51 20.53 -26.63
C CYS A 452 18.06 20.62 -27.10
N THR A 453 17.48 19.46 -27.38
CA THR A 453 16.12 19.35 -27.90
C THR A 453 15.08 19.51 -26.77
N SER A 454 13.87 19.94 -27.14
CA SER A 454 12.76 20.16 -26.18
C SER A 454 12.64 19.00 -25.21
N ARG A 455 12.44 17.79 -25.74
CA ARG A 455 12.29 16.61 -24.92
C ARG A 455 13.37 16.46 -23.85
N VAL A 456 14.62 16.66 -24.24
CA VAL A 456 15.74 16.47 -23.32
C VAL A 456 15.73 17.57 -22.29
N GLN A 457 15.53 18.81 -22.75
CA GLN A 457 15.53 19.94 -21.82
C GLN A 457 14.53 19.65 -20.71
N THR A 458 13.34 19.20 -21.10
CA THR A 458 12.20 19.01 -20.20
C THR A 458 12.49 17.92 -19.19
N HIS A 459 13.12 16.84 -19.66
CA HIS A 459 13.43 15.70 -18.81
C HIS A 459 14.58 15.98 -17.86
N ALA A 460 15.51 16.82 -18.29
CA ALA A 460 16.59 17.23 -17.44
C ALA A 460 16.01 18.07 -16.29
N ALA A 461 15.03 18.90 -16.64
CA ALA A 461 14.33 19.73 -15.67
C ALA A 461 13.53 18.85 -14.70
N ALA A 462 12.91 17.82 -15.23
CA ALA A 462 12.26 16.80 -14.43
C ALA A 462 13.24 16.17 -13.42
N ALA A 463 14.38 15.68 -13.92
CA ALA A 463 15.40 15.06 -13.07
C ALA A 463 15.91 16.01 -11.95
N LEU A 464 15.80 17.30 -12.19
CA LEU A 464 16.24 18.24 -11.19
C LEU A 464 15.28 18.33 -10.01
N VAL A 465 14.00 18.02 -10.25
CA VAL A 465 12.99 18.00 -9.19
C VAL A 465 13.32 16.86 -8.25
N ASN A 466 13.72 15.74 -8.87
CA ASN A 466 14.03 14.51 -8.17
C ASN A 466 15.17 14.79 -7.23
N PHE A 467 16.21 15.42 -7.77
CA PHE A 467 17.39 15.77 -7.00
C PHE A 467 17.05 16.73 -5.85
N SER A 468 16.29 17.77 -6.18
CA SER A 468 15.99 18.84 -5.25
C SER A 468 15.20 18.41 -4.05
N GLU A 469 14.37 17.38 -4.21
CA GLU A 469 13.44 17.03 -3.15
C GLU A 469 14.17 16.75 -1.83
N PHE A 470 15.41 16.27 -1.94
CA PHE A 470 16.17 15.78 -0.79
C PHE A 470 17.50 16.48 -0.65
N ALA A 471 17.67 17.54 -1.43
CA ALA A 471 18.85 18.41 -1.36
C ALA A 471 18.64 19.54 -0.33
N SER A 472 19.69 19.83 0.43
CA SER A 472 19.69 20.94 1.39
C SER A 472 19.73 22.26 0.65
N LYS A 473 19.12 23.27 1.24
CA LYS A 473 19.19 24.63 0.72
C LYS A 473 20.65 25.02 0.57
N ASP A 474 21.45 24.62 1.57
CA ASP A 474 22.86 24.94 1.65
C ASP A 474 23.59 24.41 0.43
N ILE A 475 23.31 23.15 0.08
CA ILE A 475 23.94 22.50 -1.08
C ILE A 475 23.59 23.18 -2.40
N LEU A 476 22.31 23.53 -2.56
CA LEU A 476 21.77 24.11 -3.81
C LEU A 476 22.18 25.58 -4.07
N GLU A 477 22.31 26.32 -2.98
CA GLU A 477 22.66 27.75 -3.00
C GLU A 477 23.63 28.21 -4.14
N PRO A 478 24.87 27.66 -4.21
CA PRO A 478 25.76 28.01 -5.32
C PRO A 478 25.27 27.73 -6.74
N TYR A 479 24.29 26.86 -6.88
CA TYR A 479 23.84 26.49 -8.22
C TYR A 479 22.57 27.23 -8.64
N LEU A 480 21.93 27.92 -7.70
CA LEU A 480 20.62 28.55 -7.91
C LEU A 480 20.56 29.54 -9.05
N ASP A 481 21.50 30.49 -9.06
CA ASP A 481 21.48 31.50 -10.09
C ASP A 481 21.57 30.83 -11.47
N SER A 482 22.54 29.94 -11.61
CA SER A 482 22.67 29.14 -12.83
C SER A 482 21.35 28.40 -13.20
N LEU A 483 20.79 27.67 -12.23
CA LEU A 483 19.54 26.94 -12.40
C LEU A 483 18.40 27.83 -12.86
N LEU A 484 18.24 28.94 -12.14
CA LEU A 484 17.12 29.84 -12.35
C LEU A 484 17.15 30.50 -13.71
N THR A 485 18.31 31.03 -14.08
CA THR A 485 18.43 31.71 -15.36
C THR A 485 18.04 30.75 -16.52
N ASN A 486 18.50 29.50 -16.44
CA ASN A 486 18.21 28.47 -17.44
C ASN A 486 16.73 28.08 -17.54
N LEU A 487 16.13 27.93 -16.36
CA LEU A 487 14.72 27.57 -16.29
C LEU A 487 13.81 28.66 -16.84
N LEU A 488 14.14 29.92 -16.58
CA LEU A 488 13.39 31.04 -17.11
C LEU A 488 13.35 31.03 -18.66
N VAL A 489 14.44 30.59 -19.29
CA VAL A 489 14.44 30.37 -20.74
C VAL A 489 13.37 29.36 -21.09
N LEU A 490 13.38 28.22 -20.40
CA LEU A 490 12.41 27.17 -20.69
C LEU A 490 11.02 27.69 -20.43
N LEU A 491 10.89 28.58 -19.46
CA LEU A 491 9.59 29.13 -19.14
C LEU A 491 9.03 29.86 -20.34
N GLN A 492 9.91 30.34 -21.19
CA GLN A 492 9.46 31.06 -22.35
C GLN A 492 9.26 30.12 -23.50
N SER A 493 9.51 28.83 -23.28
CA SER A 493 9.42 27.90 -24.39
C SER A 493 8.15 28.11 -25.16
N ASN A 494 8.10 27.44 -26.31
CA ASN A 494 7.02 27.59 -27.25
C ASN A 494 6.04 26.48 -27.06
N LYS A 495 6.51 25.42 -26.41
CA LYS A 495 5.77 24.20 -26.30
C LYS A 495 5.21 24.07 -24.90
N LEU A 496 3.90 23.88 -24.79
CA LEU A 496 3.22 23.87 -23.48
C LEU A 496 3.95 23.04 -22.44
N TYR A 497 4.23 21.79 -22.79
CA TYR A 497 4.85 20.86 -21.86
C TYR A 497 6.21 21.29 -21.32
N VAL A 498 6.96 22.09 -22.06
CA VAL A 498 8.26 22.56 -21.56
C VAL A 498 8.02 23.61 -20.50
N GLN A 499 7.02 24.48 -20.74
CA GLN A 499 6.69 25.56 -19.81
C GLN A 499 6.19 24.98 -18.50
N GLU A 500 5.25 24.04 -18.61
CA GLU A 500 4.63 23.37 -17.47
C GLU A 500 5.71 22.76 -16.59
N GLN A 501 6.62 22.00 -17.20
CA GLN A 501 7.69 21.37 -16.45
C GLN A 501 8.63 22.40 -15.82
N ALA A 502 8.94 23.45 -16.58
CA ALA A 502 9.76 24.54 -16.05
C ALA A 502 9.17 25.14 -14.78
N LEU A 503 7.88 25.48 -14.78
CA LEU A 503 7.22 25.95 -13.53
C LEU A 503 7.32 24.94 -12.37
N THR A 504 7.13 23.66 -12.67
CA THR A 504 7.14 22.65 -11.63
C THR A 504 8.55 22.47 -11.09
N THR A 505 9.54 22.49 -11.98
CA THR A 505 10.93 22.43 -11.53
C THR A 505 11.30 23.64 -10.67
N ILE A 506 10.90 24.83 -11.09
CA ILE A 506 11.17 26.04 -10.31
C ILE A 506 10.55 25.91 -8.92
N ALA A 507 9.28 25.50 -8.89
CA ALA A 507 8.50 25.39 -7.66
C ALA A 507 9.20 24.48 -6.66
N PHE A 508 9.67 23.35 -7.13
CA PHE A 508 10.21 22.35 -6.23
C PHE A 508 11.63 22.64 -5.79
N ILE A 509 12.44 23.25 -6.67
CA ILE A 509 13.71 23.87 -6.27
C ILE A 509 13.51 24.93 -5.19
N ALA A 510 12.54 25.81 -5.42
CA ALA A 510 12.19 26.90 -4.50
C ALA A 510 11.80 26.37 -3.12
N GLU A 511 10.95 25.36 -3.12
CA GLU A 511 10.54 24.75 -1.87
C GLU A 511 11.75 24.24 -1.08
N ALA A 512 12.72 23.65 -1.79
CA ALA A 512 13.95 23.14 -1.16
C ALA A 512 14.82 24.24 -0.63
N ALA A 513 14.90 25.33 -1.41
CA ALA A 513 15.75 26.48 -1.12
C ALA A 513 15.33 27.31 0.10
N LYS A 514 14.04 27.29 0.46
CA LYS A 514 13.49 28.01 1.63
C LYS A 514 13.89 29.49 1.64
N ASN A 515 14.39 29.95 2.79
CA ASN A 515 14.93 31.31 2.90
C ASN A 515 15.97 31.71 1.84
N LYS A 516 16.77 30.77 1.30
CA LYS A 516 17.75 31.10 0.24
C LYS A 516 17.09 31.48 -1.07
N PHE A 517 15.77 31.38 -1.13
CA PHE A 517 15.03 31.72 -2.35
C PHE A 517 14.48 33.13 -2.25
N ILE A 518 14.61 33.75 -1.08
CA ILE A 518 14.13 35.12 -0.84
C ILE A 518 14.75 36.07 -1.85
N LYS A 519 16.06 35.91 -2.03
CA LYS A 519 16.87 36.55 -3.07
C LYS A 519 16.17 36.64 -4.46
N TYR A 520 15.43 35.60 -4.86
CA TYR A 520 14.95 35.48 -6.25
C TYR A 520 13.49 35.77 -6.39
N TYR A 521 12.86 36.05 -5.24
CA TYR A 521 11.42 36.26 -5.15
C TYR A 521 10.98 37.42 -6.03
N ASP A 522 11.68 38.55 -5.91
CA ASP A 522 11.32 39.79 -6.57
C ASP A 522 11.27 39.63 -8.09
N THR A 523 12.20 38.85 -8.64
CA THR A 523 12.32 38.69 -10.09
C THR A 523 11.25 37.70 -10.61
N LEU A 524 11.07 36.61 -9.87
CA LEU A 524 10.19 35.55 -10.30
C LEU A 524 8.71 35.88 -10.23
N MET A 525 8.29 36.44 -9.11
CA MET A 525 6.88 36.62 -8.82
C MET A 525 6.06 37.37 -9.89
N PRO A 526 6.63 38.46 -10.46
CA PRO A 526 5.83 39.17 -11.45
C PRO A 526 5.79 38.43 -12.78
N LEU A 527 6.87 37.71 -13.11
CA LEU A 527 6.91 36.78 -14.27
C LEU A 527 5.73 35.87 -14.18
N LEU A 528 5.56 35.36 -12.96
CA LEU A 528 4.52 34.42 -12.59
C LEU A 528 3.14 35.05 -12.68
N LEU A 529 3.02 36.27 -12.17
CA LEU A 529 1.75 36.95 -12.22
C LEU A 529 1.31 37.22 -13.65
N ASN A 530 2.27 37.52 -14.52
CA ASN A 530 1.93 37.76 -15.91
C ASN A 530 1.43 36.53 -16.61
N VAL A 531 2.01 35.38 -16.26
CA VAL A 531 1.59 34.11 -16.81
C VAL A 531 0.14 33.88 -16.38
N LEU A 532 -0.14 34.18 -15.11
CA LEU A 532 -1.47 34.04 -14.53
C LEU A 532 -2.51 34.92 -15.19
N LYS A 533 -2.12 36.13 -15.60
CA LYS A 533 -3.08 37.08 -16.15
C LYS A 533 -3.45 36.91 -17.64
N VAL A 534 -2.54 36.31 -18.41
CA VAL A 534 -2.77 35.98 -19.84
C VAL A 534 -4.23 35.76 -20.35
N ASN A 539 -5.14 26.01 -21.34
CA ASN A 539 -4.17 26.61 -20.42
C ASN A 539 -4.33 26.31 -18.92
N SER A 540 -5.19 25.35 -18.57
CA SER A 540 -5.56 25.03 -17.18
C SER A 540 -4.38 24.59 -16.34
N VAL A 541 -3.75 23.51 -16.79
CA VAL A 541 -2.53 22.98 -16.18
C VAL A 541 -1.43 24.05 -16.05
N LEU A 542 -1.25 24.89 -17.07
CA LEU A 542 -0.26 25.97 -16.97
C LEU A 542 -0.50 26.88 -15.76
N LYS A 543 -1.73 27.38 -15.66
CA LYS A 543 -2.08 28.33 -14.61
C LYS A 543 -2.07 27.67 -13.24
N GLY A 544 -2.56 26.45 -13.20
CA GLY A 544 -2.57 25.70 -11.97
C GLY A 544 -1.14 25.42 -11.53
N LYS A 545 -0.29 25.02 -12.48
CA LYS A 545 1.12 24.77 -12.22
C LYS A 545 1.81 26.06 -11.82
N CYS A 546 1.35 27.15 -12.42
CA CYS A 546 1.81 28.48 -12.06
C CYS A 546 1.37 28.90 -10.64
N MET A 547 0.10 28.71 -10.31
CA MET A 547 -0.40 29.02 -8.97
C MET A 547 0.31 28.17 -7.92
N GLU A 548 0.51 26.89 -8.25
CA GLU A 548 1.30 26.01 -7.39
C GLU A 548 2.70 26.57 -7.18
N CYS A 549 3.34 26.96 -8.26
CA CYS A 549 4.69 27.45 -8.17
C CYS A 549 4.71 28.70 -7.29
N ALA A 550 3.74 29.59 -7.51
CA ALA A 550 3.64 30.83 -6.74
C ALA A 550 3.49 30.59 -5.24
N THR A 551 2.64 29.63 -4.86
CA THR A 551 2.39 29.45 -3.44
C THR A 551 3.48 28.64 -2.77
N LEU A 552 4.14 27.74 -3.51
CA LEU A 552 5.31 27.06 -2.99
C LEU A 552 6.46 28.03 -2.75
N ILE A 553 6.62 28.98 -3.66
CA ILE A 553 7.59 30.03 -3.46
C ILE A 553 7.24 30.84 -2.21
N GLY A 554 5.95 31.13 -2.05
CA GLY A 554 5.43 31.91 -0.92
C GLY A 554 5.66 31.32 0.45
N PHE A 555 5.58 30.00 0.52
CA PHE A 555 5.88 29.34 1.74
C PHE A 555 7.38 29.37 2.00
N ALA A 556 8.17 29.26 0.92
CA ALA A 556 9.61 29.19 1.04
C ALA A 556 10.13 30.46 1.64
N VAL A 557 9.52 31.58 1.28
CA VAL A 557 10.00 32.92 1.72
C VAL A 557 9.34 33.47 2.99
N GLY A 558 8.23 32.87 3.43
CA GLY A 558 7.57 33.34 4.64
C GLY A 558 6.55 34.44 4.38
N LYS A 559 5.71 34.69 5.38
CA LYS A 559 4.51 35.54 5.30
C LYS A 559 4.70 37.01 4.87
N GLU A 560 5.57 37.71 5.60
CA GLU A 560 5.87 39.11 5.33
C GLU A 560 6.18 39.29 3.85
N LYS A 561 7.16 38.54 3.36
CA LYS A 561 7.63 38.68 1.99
C LYS A 561 6.50 38.32 1.02
N PHE A 562 5.75 37.26 1.31
CA PHE A 562 4.65 36.83 0.46
C PHE A 562 3.49 37.82 0.37
N HIS A 563 3.34 38.60 1.44
CA HIS A 563 2.36 39.68 1.53
C HIS A 563 2.58 40.81 0.50
N GLU A 564 3.75 40.90 -0.10
CA GLU A 564 3.93 41.82 -1.21
C GLU A 564 2.99 41.58 -2.41
N HIS A 565 2.54 40.33 -2.61
CA HIS A 565 1.70 40.04 -3.77
C HIS A 565 0.44 39.27 -3.46
N SER A 566 0.28 38.94 -2.18
CA SER A 566 -0.74 38.00 -1.73
C SER A 566 -2.18 38.39 -2.08
N GLN A 567 -2.52 39.66 -1.89
CA GLN A 567 -3.85 40.20 -2.27
C GLN A 567 -4.23 39.88 -3.73
N GLU A 568 -3.32 40.21 -4.64
CA GLU A 568 -3.51 40.02 -6.06
C GLU A 568 -3.58 38.54 -6.36
N LEU A 569 -2.65 37.81 -5.79
CA LEU A 569 -2.61 36.38 -5.96
C LEU A 569 -3.98 35.81 -5.62
N ILE A 570 -4.50 36.18 -4.44
CA ILE A 570 -5.79 35.67 -3.97
C ILE A 570 -6.94 36.04 -4.91
N SER A 571 -6.93 37.25 -5.44
CA SER A 571 -7.98 37.65 -6.33
C SER A 571 -8.00 36.77 -7.59
N ILE A 572 -6.81 36.38 -8.04
CA ILE A 572 -6.64 35.55 -9.23
C ILE A 572 -7.17 34.14 -8.96
N LEU A 573 -6.79 33.61 -7.80
CA LEU A 573 -7.30 32.33 -7.31
C LEU A 573 -8.81 32.28 -7.37
N VAL A 574 -9.46 33.30 -6.84
CA VAL A 574 -10.92 33.39 -6.83
C VAL A 574 -11.45 33.37 -8.24
N ALA A 575 -10.84 34.17 -9.12
CA ALA A 575 -11.25 34.26 -10.52
C ALA A 575 -11.18 32.88 -11.12
N LEU A 576 -10.05 32.22 -10.88
CA LEU A 576 -9.78 30.89 -11.42
C LEU A 576 -10.75 29.83 -10.91
N GLN A 577 -11.06 29.90 -9.61
CA GLN A 577 -11.96 28.99 -8.93
C GLN A 577 -13.38 29.04 -9.48
N ASN A 578 -13.84 30.24 -9.82
CA ASN A 578 -15.24 30.46 -10.11
C ASN A 578 -15.51 30.65 -11.62
N SER A 579 -14.53 30.29 -12.44
CA SER A 579 -14.65 30.41 -13.90
C SER A 579 -15.17 29.10 -14.52
N ASP A 580 -15.67 29.15 -15.76
CA ASP A 580 -16.24 27.98 -16.45
C ASP A 580 -15.22 26.88 -16.75
N ASP A 584 -10.61 21.75 -16.86
CA ASP A 584 -10.12 20.45 -16.42
C ASP A 584 -10.25 20.31 -14.91
N ASP A 585 -10.66 19.12 -14.48
CA ASP A 585 -10.70 18.79 -13.06
C ASP A 585 -9.25 18.63 -12.53
N ALA A 586 -8.27 18.69 -13.44
CA ALA A 586 -6.83 18.77 -13.11
C ALA A 586 -6.46 20.09 -12.41
N LEU A 587 -7.09 21.16 -12.87
CA LEU A 587 -6.94 22.48 -12.25
C LEU A 587 -7.49 22.54 -10.82
N ARG A 588 -8.68 21.98 -10.60
CA ARG A 588 -9.34 22.00 -9.29
C ARG A 588 -8.34 21.66 -8.20
N SER A 589 -7.47 20.70 -8.48
CA SER A 589 -6.51 20.23 -7.50
C SER A 589 -5.34 21.19 -7.22
N TYR A 590 -4.86 21.85 -8.27
CA TYR A 590 -3.82 22.81 -8.12
C TYR A 590 -4.35 24.00 -7.34
N LEU A 591 -5.62 24.33 -7.58
CA LEU A 591 -6.27 25.39 -6.81
C LEU A 591 -6.39 25.04 -5.33
N GLU A 592 -6.96 23.87 -5.05
CA GLU A 592 -7.15 23.42 -3.71
C GLU A 592 -5.86 23.41 -2.90
N GLN A 593 -4.82 22.83 -3.49
CA GLN A 593 -3.52 22.72 -2.81
C GLN A 593 -2.95 24.10 -2.54
N SER A 594 -3.21 25.03 -3.44
CA SER A 594 -2.71 26.37 -3.33
C SER A 594 -3.39 27.15 -2.21
N TRP A 595 -4.73 27.17 -2.19
CA TRP A 595 -5.48 27.81 -1.10
C TRP A 595 -4.95 27.28 0.22
N SER A 596 -4.78 25.97 0.27
CA SER A 596 -4.31 25.35 1.49
C SER A 596 -2.90 25.81 1.84
N ARG A 597 -2.04 25.96 0.86
CA ARG A 597 -0.68 26.41 1.09
C ARG A 597 -0.69 27.85 1.60
N ILE A 598 -1.66 28.64 1.12
CA ILE A 598 -1.82 30.03 1.53
C ILE A 598 -2.19 30.10 2.99
N CYS A 599 -3.11 29.25 3.42
CA CYS A 599 -3.43 29.18 4.82
C CYS A 599 -2.20 28.81 5.71
N ARG A 600 -1.28 27.96 5.24
CA ARG A 600 -0.07 27.70 6.04
C ARG A 600 0.81 28.95 6.13
N ILE A 601 0.72 29.81 5.13
CA ILE A 601 1.53 31.02 5.10
C ILE A 601 0.89 32.08 5.98
N LEU A 602 -0.41 32.30 5.75
CA LEU A 602 -1.14 33.39 6.36
C LEU A 602 -1.51 33.25 7.84
N GLY A 603 -1.35 32.05 8.41
CA GLY A 603 -1.88 31.79 9.76
C GLY A 603 -3.32 32.25 9.88
N ASP A 604 -3.64 32.89 11.00
CA ASP A 604 -5.01 33.32 11.28
C ASP A 604 -5.64 34.29 10.27
N ASP A 605 -4.81 34.92 9.47
CA ASP A 605 -5.28 35.90 8.50
C ASP A 605 -6.08 35.28 7.37
N PHE A 606 -6.02 33.96 7.26
CA PHE A 606 -6.79 33.26 6.27
C PHE A 606 -8.29 33.32 6.59
N VAL A 607 -8.64 33.51 7.86
CA VAL A 607 -10.03 33.30 8.32
C VAL A 607 -11.15 33.94 7.43
N PRO A 608 -10.94 35.20 7.00
CA PRO A 608 -11.96 35.80 6.11
C PRO A 608 -12.19 35.05 4.78
N LEU A 609 -11.30 34.13 4.42
CA LEU A 609 -11.34 33.42 3.14
C LEU A 609 -12.14 32.12 3.20
N LEU A 610 -12.40 31.67 4.43
CA LEU A 610 -13.05 30.40 4.62
C LEU A 610 -14.36 30.27 3.85
N PRO A 611 -15.17 31.35 3.77
CA PRO A 611 -16.41 31.11 3.04
C PRO A 611 -16.28 30.96 1.52
N ILE A 612 -15.12 31.29 0.95
CA ILE A 612 -14.79 30.95 -0.44
C ILE A 612 -14.42 29.48 -0.57
N VAL A 613 -13.59 29.05 0.37
CA VAL A 613 -12.76 27.84 0.30
C VAL A 613 -13.43 26.56 0.81
N ILE A 614 -14.14 26.67 1.92
CA ILE A 614 -14.74 25.50 2.55
C ILE A 614 -15.98 24.93 1.81
N PRO A 615 -16.93 25.78 1.36
CA PRO A 615 -18.11 25.18 0.71
C PRO A 615 -17.86 24.13 -0.40
N PRO A 616 -16.90 24.36 -1.34
CA PRO A 616 -16.75 23.26 -2.32
C PRO A 616 -16.19 21.98 -1.68
N LEU A 617 -15.34 22.13 -0.67
CA LEU A 617 -14.78 21.00 0.01
C LEU A 617 -15.85 20.24 0.75
N LEU A 618 -16.80 20.94 1.39
CA LEU A 618 -17.93 20.24 2.02
C LEU A 618 -18.69 19.37 1.03
N ILE A 619 -18.97 19.90 -0.15
CA ILE A 619 -19.80 19.20 -1.12
C ILE A 619 -19.08 17.90 -1.48
N THR A 620 -17.83 17.98 -1.94
CA THR A 620 -17.05 16.80 -2.31
C THR A 620 -16.93 15.79 -1.19
N ALA A 621 -16.73 16.30 0.03
CA ALA A 621 -16.45 15.44 1.14
C ALA A 621 -17.73 14.82 1.69
N LYS A 622 -18.88 15.12 1.06
CA LYS A 622 -20.14 14.48 1.47
C LYS A 622 -20.66 13.48 0.44
N ALA A 623 -19.82 13.18 -0.55
CA ALA A 623 -20.19 12.21 -1.58
C ALA A 623 -20.57 10.94 -0.86
N THR A 624 -21.65 10.31 -1.32
CA THR A 624 -22.10 9.07 -0.69
C THR A 624 -21.34 7.87 -1.24
N GLN A 625 -21.50 6.72 -0.58
CA GLN A 625 -20.90 5.47 -1.04
C GLN A 625 -21.60 5.13 -2.34
N ASP A 626 -20.95 5.51 -3.43
CA ASP A 626 -21.56 5.53 -4.73
C ASP A 626 -21.45 4.15 -5.28
N VAL A 627 -22.53 3.39 -5.06
CA VAL A 627 -22.56 1.97 -5.30
C VAL A 627 -23.66 1.51 -6.27
N GLY A 628 -23.30 0.56 -7.13
CA GLY A 628 -24.24 -0.09 -8.04
C GLY A 628 -24.31 -1.60 -7.83
N LEU A 629 -25.39 -2.04 -7.17
CA LEU A 629 -25.68 -3.47 -6.98
C LEU A 629 -25.93 -4.08 -8.35
N ILE A 630 -25.05 -4.98 -8.73
CA ILE A 630 -24.80 -5.25 -10.13
C ILE A 630 -24.99 -6.74 -10.46
N GLU A 631 -24.96 -7.10 -11.75
CA GLU A 631 -25.17 -8.47 -12.21
C GLU A 631 -23.90 -9.05 -12.89
N GLU A 632 -23.73 -10.37 -12.85
CA GLU A 632 -22.52 -11.04 -13.39
C GLU A 632 -21.90 -10.44 -14.67
N GLU A 633 -22.59 -10.50 -15.82
CA GLU A 633 -22.03 -9.94 -17.07
C GLU A 633 -21.83 -8.42 -17.00
N GLU A 634 -22.72 -7.74 -16.25
CA GLU A 634 -22.75 -6.26 -16.17
C GLU A 634 -21.52 -5.62 -15.51
N ALA A 635 -20.55 -6.46 -15.11
CA ALA A 635 -19.26 -6.06 -14.47
C ALA A 635 -18.00 -5.74 -15.29
N ALA A 636 -17.77 -6.44 -16.42
CA ALA A 636 -16.49 -6.46 -17.13
C ALA A 636 -16.43 -5.20 -17.95
N ASN A 637 -17.59 -4.85 -18.50
CA ASN A 637 -17.79 -3.54 -19.09
C ASN A 637 -17.80 -2.34 -18.09
N PHE A 638 -18.35 -2.52 -16.87
CA PHE A 638 -18.18 -1.54 -15.77
C PHE A 638 -16.70 -1.44 -15.39
N GLN A 639 -15.97 -2.54 -15.55
CA GLN A 639 -14.54 -2.56 -15.23
C GLN A 639 -13.65 -1.83 -16.23
N GLN A 640 -14.20 -1.56 -17.43
CA GLN A 640 -13.51 -0.80 -18.49
C GLN A 640 -13.02 0.55 -18.01
N TYR A 641 -13.84 1.19 -17.18
CA TYR A 641 -13.53 2.53 -16.69
C TYR A 641 -12.35 2.51 -15.70
N PRO A 642 -11.38 3.42 -15.95
CA PRO A 642 -10.31 3.62 -14.99
C PRO A 642 -10.91 4.04 -13.64
N ASP A 643 -11.99 4.81 -13.70
CA ASP A 643 -12.65 5.41 -12.53
C ASP A 643 -13.52 4.44 -11.72
N TRP A 644 -13.59 3.18 -12.12
CA TRP A 644 -14.45 2.27 -11.41
C TRP A 644 -13.71 0.98 -11.15
N ASP A 645 -14.14 0.31 -10.07
CA ASP A 645 -13.71 -1.03 -9.76
C ASP A 645 -14.90 -1.83 -9.26
N VAL A 646 -14.96 -3.10 -9.61
CA VAL A 646 -16.03 -3.97 -9.13
C VAL A 646 -15.43 -5.08 -8.30
N VAL A 647 -16.08 -5.42 -7.19
CA VAL A 647 -15.60 -6.45 -6.28
C VAL A 647 -16.79 -7.35 -5.90
N GLN A 648 -16.53 -8.49 -5.27
CA GLN A 648 -17.62 -9.32 -4.73
C GLN A 648 -17.60 -9.30 -3.19
N VAL A 649 -18.76 -8.98 -2.58
CA VAL A 649 -18.87 -8.87 -1.10
C VAL A 649 -19.15 -10.23 -0.47
N GLN A 650 -20.20 -10.89 -0.94
CA GLN A 650 -20.57 -12.19 -0.43
C GLN A 650 -21.23 -12.94 -1.56
N GLY A 651 -20.48 -13.08 -2.65
CA GLY A 651 -20.94 -13.74 -3.86
C GLY A 651 -21.60 -12.78 -4.83
N LYS A 652 -22.64 -12.11 -4.33
CA LYS A 652 -23.29 -10.96 -4.96
C LYS A 652 -22.29 -9.81 -5.07
N HIS A 653 -22.19 -9.24 -6.29
CA HIS A 653 -21.18 -8.22 -6.67
C HIS A 653 -21.67 -6.78 -6.57
N ILE A 654 -20.71 -5.86 -6.63
CA ILE A 654 -20.99 -4.43 -6.63
C ILE A 654 -19.96 -3.56 -7.36
N ALA A 655 -20.46 -2.55 -8.06
CA ALA A 655 -19.64 -1.53 -8.71
C ALA A 655 -19.49 -0.31 -7.81
N ILE A 656 -18.25 0.04 -7.48
CA ILE A 656 -17.97 1.21 -6.63
C ILE A 656 -17.16 2.26 -7.39
N HIS A 657 -17.69 3.48 -7.41
CA HIS A 657 -17.04 4.57 -8.10
C HIS A 657 -15.80 4.99 -7.33
N THR A 658 -14.66 4.37 -7.65
CA THR A 658 -13.44 4.57 -6.85
C THR A 658 -12.94 6.03 -6.91
N SER A 659 -12.87 6.61 -8.10
CA SER A 659 -12.39 7.98 -8.25
C SER A 659 -13.11 8.94 -7.26
N VAL A 660 -14.44 8.91 -7.27
CA VAL A 660 -15.28 9.74 -6.38
C VAL A 660 -14.91 9.60 -4.91
N LEU A 661 -14.71 8.36 -4.46
CA LEU A 661 -14.40 8.06 -3.09
C LEU A 661 -13.00 8.54 -2.75
N ASP A 662 -12.06 8.38 -3.68
CA ASP A 662 -10.72 8.93 -3.52
C ASP A 662 -10.78 10.44 -3.34
N ASP A 663 -11.63 11.08 -4.14
CA ASP A 663 -11.81 12.54 -4.08
C ASP A 663 -12.36 12.98 -2.72
N LYS A 664 -13.34 12.26 -2.20
CA LYS A 664 -13.85 12.49 -0.86
C LYS A 664 -12.73 12.48 0.18
N VAL A 665 -11.84 11.50 0.09
CA VAL A 665 -10.67 11.47 0.99
C VAL A 665 -9.82 12.72 0.86
N SER A 666 -9.44 13.07 -0.36
CA SER A 666 -8.64 14.27 -0.57
C SER A 666 -9.33 15.49 0.04
N ALA A 667 -10.64 15.61 -0.14
CA ALA A 667 -11.37 16.73 0.45
C ALA A 667 -11.33 16.69 1.99
N MET A 668 -11.50 15.51 2.55
CA MET A 668 -11.44 15.33 3.99
C MET A 668 -10.08 15.69 4.54
N GLU A 669 -9.02 15.39 3.77
CA GLU A 669 -7.67 15.67 4.21
C GLU A 669 -7.49 17.17 4.33
N LEU A 670 -8.13 17.91 3.44
CA LEU A 670 -7.98 19.36 3.43
C LEU A 670 -8.76 19.97 4.56
N LEU A 671 -9.98 19.48 4.76
CA LEU A 671 -10.79 19.91 5.89
C LEU A 671 -10.01 19.66 7.18
N GLN A 672 -9.37 18.51 7.28
CA GLN A 672 -8.55 18.21 8.46
C GLN A 672 -7.33 19.12 8.67
N SER A 673 -6.67 19.54 7.60
CA SER A 673 -5.53 20.42 7.79
C SER A 673 -5.99 21.84 8.04
N TYR A 674 -7.12 22.25 7.47
CA TYR A 674 -7.63 23.56 7.78
C TYR A 674 -8.00 23.63 9.26
N ALA A 675 -8.63 22.59 9.75
CA ALA A 675 -8.96 22.49 11.16
C ALA A 675 -7.69 22.50 12.06
N THR A 676 -6.67 21.75 11.69
CA THR A 676 -5.43 21.71 12.46
C THR A 676 -4.71 23.06 12.55
N LEU A 677 -4.74 23.85 11.48
CA LEU A 677 -4.02 25.12 11.44
C LEU A 677 -4.83 26.25 12.04
N LEU A 678 -6.12 26.24 11.74
CA LEU A 678 -7.03 27.28 12.25
C LEU A 678 -7.49 27.10 13.70
N ARG A 679 -7.33 25.90 14.24
CA ARG A 679 -7.79 25.57 15.58
C ARG A 679 -9.15 26.15 15.97
N GLY A 680 -9.15 27.06 16.95
CA GLY A 680 -10.39 27.70 17.44
C GLY A 680 -11.23 28.32 16.35
N GLN A 681 -10.55 28.97 15.41
CA GLN A 681 -11.13 29.63 14.26
C GLN A 681 -11.95 28.71 13.36
N PHE A 682 -11.73 27.41 13.46
CA PHE A 682 -12.43 26.47 12.60
C PHE A 682 -13.73 26.02 13.25
N ALA A 683 -13.95 26.48 14.47
CA ALA A 683 -15.03 25.95 15.30
C ALA A 683 -16.39 25.98 14.60
N VAL A 684 -16.63 27.02 13.79
CA VAL A 684 -17.90 27.21 13.08
C VAL A 684 -18.33 26.01 12.27
N TYR A 685 -17.36 25.23 11.82
CA TYR A 685 -17.64 24.15 10.90
C TYR A 685 -17.79 22.80 11.58
N VAL A 686 -17.31 22.73 12.82
CA VAL A 686 -17.12 21.46 13.52
C VAL A 686 -18.39 20.63 13.52
N LYS A 687 -19.51 21.19 13.97
CA LYS A 687 -20.78 20.44 13.97
C LYS A 687 -21.14 19.83 12.58
N GLU A 688 -21.11 20.62 11.53
CA GLU A 688 -21.44 20.11 10.18
C GLU A 688 -20.49 19.03 9.69
N VAL A 689 -19.18 19.25 9.84
CA VAL A 689 -18.18 18.30 9.35
C VAL A 689 -18.28 17.00 10.13
N MET A 690 -18.50 17.12 11.44
CA MET A 690 -18.51 15.98 12.32
C MET A 690 -19.68 15.08 12.04
N GLU A 691 -20.86 15.67 11.90
CA GLU A 691 -22.08 14.87 11.75
C GLU A 691 -22.35 14.49 10.32
N GLU A 692 -22.01 15.35 9.36
CA GLU A 692 -22.34 15.08 7.97
C GLU A 692 -21.18 14.52 7.17
N ILE A 693 -19.96 14.64 7.70
CA ILE A 693 -18.78 14.09 7.02
C ILE A 693 -18.06 13.00 7.81
N ALA A 694 -17.46 13.38 8.93
CA ALA A 694 -16.58 12.45 9.65
C ALA A 694 -17.30 11.19 10.09
N LEU A 695 -18.38 11.36 10.81
CA LEU A 695 -19.10 10.23 11.37
C LEU A 695 -19.73 9.28 10.32
N PRO A 696 -20.51 9.82 9.37
CA PRO A 696 -21.02 8.91 8.36
C PRO A 696 -19.93 8.17 7.59
N SER A 697 -18.71 8.73 7.59
CA SER A 697 -17.61 8.13 6.83
C SER A 697 -17.10 6.81 7.40
N LEU A 698 -17.36 6.58 8.70
CA LEU A 698 -17.02 5.33 9.33
C LEU A 698 -17.90 4.17 8.86
N ASP A 699 -19.06 4.47 8.29
CA ASP A 699 -19.91 3.40 7.78
C ASP A 699 -19.63 3.09 6.35
N PHE A 700 -18.50 3.56 5.82
CA PHE A 700 -18.15 3.32 4.43
C PHE A 700 -17.39 2.02 4.33
N TYR A 701 -18.10 0.92 4.49
CA TYR A 701 -17.50 -0.41 4.47
C TYR A 701 -16.80 -0.78 3.15
N LEU A 702 -17.07 -0.06 2.06
CA LEU A 702 -16.50 -0.38 0.74
C LEU A 702 -15.19 0.32 0.40
N HIS A 703 -14.75 1.25 1.26
CA HIS A 703 -13.53 2.02 0.99
C HIS A 703 -12.89 2.40 2.30
N ASP A 704 -11.74 1.82 2.59
CA ASP A 704 -11.10 2.05 3.90
C ASP A 704 -10.43 3.43 4.08
N GLY A 705 -9.94 4.02 2.99
CA GLY A 705 -9.41 5.38 3.05
C GLY A 705 -10.39 6.34 3.67
N VAL A 706 -11.64 6.28 3.22
CA VAL A 706 -12.75 7.09 3.78
C VAL A 706 -12.89 6.82 5.26
N ARG A 707 -13.00 5.55 5.63
CA ARG A 707 -13.12 5.18 7.02
C ARG A 707 -12.01 5.74 7.85
N ALA A 708 -10.80 5.65 7.34
CA ALA A 708 -9.65 6.13 8.07
C ALA A 708 -9.70 7.64 8.17
N ALA A 709 -10.01 8.33 7.08
CA ALA A 709 -9.99 9.79 7.11
C ALA A 709 -11.05 10.30 8.05
N GLY A 710 -12.18 9.59 8.09
CA GLY A 710 -13.23 9.86 9.06
C GLY A 710 -12.69 9.86 10.48
N ALA A 711 -11.95 8.81 10.82
CA ALA A 711 -11.50 8.67 12.18
C ALA A 711 -10.49 9.73 12.56
N THR A 712 -9.56 10.05 11.66
CA THR A 712 -8.46 10.96 12.04
C THR A 712 -8.96 12.38 12.16
N LEU A 713 -10.11 12.64 11.54
CA LEU A 713 -10.74 13.94 11.54
C LEU A 713 -11.27 14.25 12.93
N ILE A 714 -11.86 13.22 13.55
CA ILE A 714 -12.61 13.36 14.82
C ILE A 714 -11.90 14.13 15.92
N PRO A 715 -10.74 13.65 16.39
CA PRO A 715 -10.14 14.39 17.51
C PRO A 715 -9.73 15.79 17.14
N ILE A 716 -9.41 16.02 15.87
CA ILE A 716 -8.99 17.35 15.44
C ILE A 716 -10.18 18.33 15.40
N LEU A 717 -11.32 17.86 14.88
CA LEU A 717 -12.60 18.56 15.06
C LEU A 717 -12.88 19.01 16.51
N LEU A 718 -12.97 18.04 17.43
CA LEU A 718 -13.18 18.35 18.83
C LEU A 718 -12.20 19.42 19.32
N SER A 719 -10.91 19.18 19.09
CA SER A 719 -9.89 20.08 19.59
C SER A 719 -10.14 21.49 19.14
N CYS A 720 -10.74 21.64 17.97
CA CYS A 720 -11.08 22.96 17.40
C CYS A 720 -12.21 23.65 18.15
N LEU A 721 -13.28 22.90 18.42
CA LEU A 721 -14.39 23.45 19.16
C LEU A 721 -13.96 23.78 20.58
N LEU A 722 -13.27 22.84 21.23
CA LEU A 722 -12.78 23.06 22.58
C LEU A 722 -12.02 24.39 22.64
N ALA A 723 -11.07 24.63 21.74
CA ALA A 723 -10.29 25.87 21.82
C ALA A 723 -11.13 27.15 21.70
N ALA A 724 -12.29 27.05 21.07
CA ALA A 724 -13.17 28.21 20.94
C ALA A 724 -14.03 28.44 22.18
N THR A 725 -14.30 27.38 22.94
CA THR A 725 -15.31 27.37 24.01
C THR A 725 -14.93 26.39 25.12
N GLU A 730 -20.67 22.04 25.85
CA GLU A 730 -21.92 21.23 25.91
C GLU A 730 -22.24 20.45 24.62
N GLU A 731 -22.28 21.18 23.50
CA GLU A 731 -22.33 20.57 22.17
C GLU A 731 -21.07 19.69 21.94
N LEU A 732 -19.92 20.24 22.37
CA LEU A 732 -18.66 19.52 22.43
C LEU A 732 -18.87 18.19 23.11
N VAL A 733 -19.63 18.18 24.21
CA VAL A 733 -19.88 16.95 24.94
C VAL A 733 -20.80 16.01 24.16
N LEU A 734 -21.84 16.59 23.57
CA LEU A 734 -22.74 15.76 22.79
C LEU A 734 -21.98 15.11 21.63
N LEU A 735 -21.28 15.94 20.84
CA LEU A 735 -20.46 15.46 19.73
C LEU A 735 -19.47 14.37 20.15
N TRP A 736 -18.71 14.66 21.19
CA TRP A 736 -17.74 13.70 21.71
C TRP A 736 -18.38 12.39 22.12
N HIS A 737 -19.54 12.46 22.76
CA HIS A 737 -20.25 11.23 23.08
C HIS A 737 -20.62 10.44 21.80
N LYS A 738 -21.22 11.13 20.84
CA LYS A 738 -21.62 10.50 19.59
C LYS A 738 -20.45 9.88 18.85
N ALA A 739 -19.36 10.65 18.76
CA ALA A 739 -18.14 10.24 18.05
C ALA A 739 -17.46 9.04 18.72
N SER A 740 -17.17 9.17 20.02
CA SER A 740 -16.48 8.12 20.75
C SER A 740 -17.27 6.82 20.68
N SER A 741 -18.60 6.94 20.70
CA SER A 741 -19.47 5.78 20.68
C SER A 741 -19.38 5.05 19.37
N LYS A 742 -19.36 5.80 18.28
CA LYS A 742 -19.27 5.18 16.96
C LYS A 742 -17.89 4.56 16.72
N LEU A 743 -16.83 5.23 17.18
CA LEU A 743 -15.51 4.62 17.17
C LEU A 743 -15.48 3.31 17.93
N ILE A 744 -15.95 3.31 19.18
CA ILE A 744 -16.00 2.09 19.99
C ILE A 744 -16.75 0.96 19.32
N GLY A 745 -17.99 1.23 18.87
CA GLY A 745 -18.78 0.28 18.09
C GLY A 745 -18.08 -0.16 16.80
N GLY A 746 -17.26 0.73 16.24
CA GLY A 746 -16.44 0.39 15.08
C GLY A 746 -15.38 -0.65 15.37
N LEU A 747 -14.88 -0.67 16.61
CA LEU A 747 -13.83 -1.60 17.02
C LEU A 747 -14.21 -3.04 16.94
N MET A 748 -15.52 -3.30 16.99
CA MET A 748 -16.02 -4.65 16.99
C MET A 748 -16.40 -5.12 15.59
N SER A 749 -16.72 -4.17 14.72
CA SER A 749 -17.29 -4.45 13.39
C SER A 749 -16.28 -4.24 12.28
N GLU A 750 -15.23 -3.48 12.58
CA GLU A 750 -14.16 -3.23 11.63
C GLU A 750 -13.50 -4.55 11.23
N PRO A 751 -13.50 -4.91 9.92
CA PRO A 751 -12.73 -6.10 9.47
C PRO A 751 -11.21 -5.91 9.31
N MET A 752 -10.77 -4.76 8.81
CA MET A 752 -9.36 -4.51 8.59
C MET A 752 -8.66 -4.11 9.87
N PRO A 753 -7.63 -4.86 10.25
CA PRO A 753 -6.86 -4.52 11.43
C PRO A 753 -6.15 -3.18 11.31
N GLU A 754 -5.77 -2.80 10.10
CA GLU A 754 -5.11 -1.52 9.85
C GLU A 754 -6.05 -0.36 10.25
N ILE A 755 -7.35 -0.52 9.95
CA ILE A 755 -8.35 0.49 10.30
C ILE A 755 -8.60 0.49 11.80
N THR A 756 -8.91 -0.67 12.38
CA THR A 756 -8.96 -0.84 13.84
C THR A 756 -7.88 -0.01 14.58
N GLN A 757 -6.65 -0.04 14.08
CA GLN A 757 -5.60 0.72 14.72
C GLN A 757 -5.89 2.21 14.72
N VAL A 758 -6.44 2.69 13.61
CA VAL A 758 -6.74 4.10 13.45
C VAL A 758 -7.82 4.53 14.43
N TYR A 759 -8.82 3.68 14.62
CA TYR A 759 -9.89 3.95 15.57
C TYR A 759 -9.34 4.06 16.98
N HIS A 760 -8.50 3.12 17.38
CA HIS A 760 -7.88 3.25 18.68
C HIS A 760 -7.06 4.54 18.78
N ASN A 761 -6.30 4.85 17.74
CA ASN A 761 -5.46 6.01 17.80
C ASN A 761 -6.33 7.24 17.88
N SER A 762 -7.41 7.18 17.13
CA SER A 762 -8.42 8.23 17.16
C SER A 762 -9.00 8.46 18.58
N LEU A 763 -9.43 7.38 19.22
CA LEU A 763 -9.88 7.47 20.58
C LEU A 763 -8.85 8.04 21.50
N VAL A 764 -7.61 7.58 21.40
CA VAL A 764 -6.55 8.12 22.26
C VAL A 764 -6.51 9.62 22.15
N ASN A 765 -6.54 10.10 20.91
CA ASN A 765 -6.42 11.52 20.70
C ASN A 765 -7.65 12.28 21.14
N GLY A 766 -8.84 11.70 20.93
CA GLY A 766 -10.12 12.21 21.47
C GLY A 766 -10.07 12.39 22.97
N ILE A 767 -9.74 11.31 23.67
CA ILE A 767 -9.53 11.35 25.10
C ILE A 767 -8.57 12.43 25.56
N LYS A 768 -7.44 12.61 24.86
CA LYS A 768 -6.47 13.63 25.26
C LYS A 768 -7.08 15.02 25.12
N VAL A 769 -7.96 15.20 24.12
CA VAL A 769 -8.62 16.49 23.89
C VAL A 769 -9.65 16.79 24.98
N MET A 770 -10.57 15.85 25.18
CA MET A 770 -11.69 15.97 26.11
C MET A 770 -11.33 16.01 27.59
N GLY A 771 -10.14 15.54 27.96
CA GLY A 771 -9.69 15.57 29.34
C GLY A 771 -10.26 14.51 30.27
N ASP A 772 -10.72 14.96 31.44
CA ASP A 772 -11.03 14.05 32.55
C ASP A 772 -12.42 13.43 32.54
N ASN A 773 -12.46 12.13 32.75
CA ASN A 773 -13.69 11.37 32.83
C ASN A 773 -14.61 11.54 31.63
N CYS A 774 -14.03 11.50 30.44
CA CYS A 774 -14.79 11.82 29.25
C CYS A 774 -15.66 10.67 28.74
N LEU A 775 -15.69 9.57 29.47
CA LEU A 775 -16.36 8.37 28.97
C LEU A 775 -17.31 7.80 29.99
N SER A 776 -18.47 7.35 29.50
CA SER A 776 -19.51 6.78 30.35
C SER A 776 -19.22 5.32 30.62
N GLU A 777 -19.86 4.78 31.64
CA GLU A 777 -19.62 3.43 32.08
C GLU A 777 -19.93 2.39 30.99
N ASP A 778 -21.03 2.55 30.28
CA ASP A 778 -21.42 1.60 29.25
C ASP A 778 -20.52 1.75 28.01
N GLN A 779 -20.05 2.98 27.76
CA GLN A 779 -18.93 3.19 26.80
C GLN A 779 -17.66 2.39 27.16
N LEU A 780 -17.24 2.50 28.41
CA LEU A 780 -16.09 1.78 28.87
C LEU A 780 -16.30 0.28 28.70
N ALA A 781 -17.53 -0.20 28.84
CA ALA A 781 -17.76 -1.63 28.76
C ALA A 781 -17.74 -2.05 27.32
N ALA A 782 -18.23 -1.18 26.47
CA ALA A 782 -18.28 -1.46 25.03
C ALA A 782 -16.89 -1.41 24.40
N PHE A 783 -16.01 -0.58 24.98
CA PHE A 783 -14.63 -0.45 24.54
C PHE A 783 -13.88 -1.71 24.88
N THR A 784 -14.25 -2.30 26.01
CA THR A 784 -13.62 -3.52 26.43
C THR A 784 -14.00 -4.71 25.57
N LYS A 785 -15.27 -4.80 25.18
CA LYS A 785 -15.63 -5.85 24.22
C LYS A 785 -14.84 -5.68 22.93
N GLY A 786 -14.75 -4.44 22.46
CA GLY A 786 -13.95 -4.14 21.29
C GLY A 786 -12.50 -4.56 21.46
N VAL A 787 -11.89 -4.18 22.58
CA VAL A 787 -10.49 -4.50 22.84
C VAL A 787 -10.33 -6.00 22.89
N SER A 788 -11.33 -6.67 23.43
CA SER A 788 -11.27 -8.11 23.54
C SER A 788 -11.36 -8.78 22.14
N ALA A 789 -12.31 -8.32 21.32
CA ALA A 789 -12.46 -8.83 19.97
C ALA A 789 -11.19 -8.60 19.16
N ASN A 790 -10.57 -7.44 19.35
CA ASN A 790 -9.32 -7.09 18.66
C ASN A 790 -8.17 -7.97 19.10
N LEU A 791 -8.05 -8.21 20.39
CA LEU A 791 -7.00 -9.08 20.88
C LEU A 791 -7.24 -10.54 20.45
N THR A 792 -8.51 -10.96 20.44
CA THR A 792 -8.90 -12.28 19.97
C THR A 792 -8.53 -12.45 18.51
N ASP A 793 -8.83 -11.46 17.67
CA ASP A 793 -8.57 -11.59 16.22
C ASP A 793 -7.09 -11.57 15.86
N THR A 794 -6.32 -10.89 16.70
CA THR A 794 -4.87 -10.81 16.56
C THR A 794 -4.23 -12.14 16.94
N TYR A 795 -4.70 -12.75 18.02
CA TYR A 795 -4.18 -14.03 18.41
C TYR A 795 -4.39 -15.02 17.29
N GLU A 796 -5.61 -15.07 16.76
CA GLU A 796 -5.98 -16.04 15.73
C GLU A 796 -5.15 -15.88 14.45
N ARG A 797 -4.80 -14.63 14.12
CA ARG A 797 -3.98 -14.35 12.93
C ARG A 797 -2.53 -14.77 13.13
N MET A 798 -2.06 -14.70 14.36
CA MET A 798 -0.66 -14.94 14.66
C MET A 798 -0.36 -16.41 14.89
N GLN A 799 -1.40 -17.18 15.14
CA GLN A 799 -1.31 -18.62 15.16
C GLN A 799 -1.48 -19.10 13.73
N ASP A 800 -0.81 -18.43 12.79
CA ASP A 800 -0.70 -18.89 11.38
C ASP A 800 0.74 -19.20 10.93
N ARG A 801 1.64 -18.24 11.19
CA ARG A 801 3.13 -18.34 11.08
C ARG A 801 3.77 -16.94 11.04
N ASP A 806 5.65 -24.37 2.91
CA ASP A 806 4.65 -25.24 2.26
C ASP A 806 5.20 -26.06 1.07
N GLU A 807 4.52 -27.14 0.71
CA GLU A 807 4.92 -28.06 -0.38
C GLU A 807 5.01 -27.44 -1.79
N TYR A 808 4.27 -26.36 -2.01
CA TYR A 808 4.05 -25.73 -3.32
C TYR A 808 4.42 -24.23 -3.35
N ASN A 809 4.48 -23.60 -2.17
CA ASN A 809 4.73 -22.16 -2.03
C ASN A 809 5.87 -21.84 -1.08
N GLU A 810 6.40 -20.61 -1.14
CA GLU A 810 7.62 -20.28 -0.39
C GLU A 810 7.32 -19.50 0.88
N PHE A 818 4.33 -5.82 10.17
CA PHE A 818 4.28 -5.01 11.39
C PHE A 818 2.89 -4.59 11.82
N THR A 819 1.95 -4.81 10.91
CA THR A 819 0.57 -4.38 11.10
C THR A 819 -0.05 -4.94 12.39
N ASP A 820 0.35 -6.15 12.78
CA ASP A 820 -0.03 -6.69 14.09
C ASP A 820 0.69 -6.05 15.26
N GLU A 821 1.97 -5.77 15.11
CA GLU A 821 2.68 -5.16 16.24
C GLU A 821 2.19 -3.74 16.44
N ASP A 822 1.93 -3.04 15.34
CA ASP A 822 1.46 -1.65 15.38
C ASP A 822 0.07 -1.52 16.03
N LEU A 823 -0.86 -2.41 15.66
CA LEU A 823 -2.18 -2.49 16.28
C LEU A 823 -2.08 -2.65 17.80
N LEU A 824 -1.35 -3.67 18.23
CA LEU A 824 -1.15 -3.89 19.66
C LEU A 824 -0.49 -2.71 20.34
N ASP A 825 0.46 -2.06 19.65
CA ASP A 825 1.08 -0.88 20.21
C ASP A 825 0.04 0.17 20.52
N GLU A 826 -0.96 0.32 19.65
CA GLU A 826 -2.00 1.36 19.85
C GLU A 826 -2.99 0.94 20.91
N ILE A 827 -3.38 -0.32 20.91
CA ILE A 827 -4.28 -0.77 21.93
C ILE A 827 -3.66 -0.51 23.30
N ASN A 828 -2.35 -0.65 23.45
CA ASN A 828 -1.71 -0.31 24.69
C ASN A 828 -1.90 1.14 25.02
N LYS A 829 -1.88 1.98 24.00
CA LYS A 829 -1.98 3.42 24.19
C LYS A 829 -3.39 3.79 24.59
N SER A 830 -4.40 3.14 23.97
CA SER A 830 -5.80 3.44 24.27
C SER A 830 -6.17 2.99 25.68
N ILE A 831 -5.76 1.78 26.03
CA ILE A 831 -5.93 1.33 27.38
C ILE A 831 -5.27 2.31 28.37
N ALA A 832 -4.03 2.71 28.18
CA ALA A 832 -3.42 3.69 29.10
C ALA A 832 -4.23 5.00 29.14
N ALA A 833 -4.74 5.40 27.97
CA ALA A 833 -5.49 6.65 27.86
C ALA A 833 -6.79 6.52 28.62
N VAL A 834 -7.45 5.39 28.47
CA VAL A 834 -8.70 5.16 29.19
C VAL A 834 -8.50 5.06 30.70
N LEU A 835 -7.50 4.31 31.15
CA LEU A 835 -7.16 4.26 32.59
C LEU A 835 -6.97 5.66 33.15
N LYS A 836 -6.15 6.47 32.49
CA LYS A 836 -5.89 7.82 32.94
C LYS A 836 -7.13 8.72 33.02
N THR A 837 -8.01 8.64 32.03
CA THR A 837 -9.22 9.45 32.05
C THR A 837 -10.16 9.00 33.16
N THR A 838 -10.31 7.68 33.34
CA THR A 838 -11.13 7.14 34.43
C THR A 838 -10.40 7.19 35.78
N ASN A 839 -9.11 7.51 35.75
CA ASN A 839 -8.28 7.59 36.93
C ASN A 839 -8.22 6.28 37.75
N GLY A 840 -8.33 5.13 37.09
CA GLY A 840 -8.15 3.85 37.76
C GLY A 840 -9.35 2.98 37.51
N HIS A 841 -10.51 3.64 37.58
CA HIS A 841 -11.78 2.91 37.68
C HIS A 841 -12.00 2.00 36.50
N TYR A 842 -11.17 2.12 35.46
CA TYR A 842 -11.24 1.20 34.32
C TYR A 842 -10.62 -0.16 34.65
N LEU A 843 -9.89 -0.22 35.78
CA LEU A 843 -9.34 -1.49 36.26
C LEU A 843 -10.44 -2.55 36.43
N LYS A 844 -11.61 -2.11 36.92
CA LYS A 844 -12.79 -2.97 37.03
C LYS A 844 -13.07 -3.67 35.70
N ASN A 845 -13.30 -2.89 34.64
CA ASN A 845 -13.50 -3.47 33.31
C ASN A 845 -12.30 -4.29 32.88
N LEU A 846 -11.11 -3.84 33.28
CA LEU A 846 -9.91 -4.50 32.82
C LEU A 846 -9.79 -5.94 33.31
N GLU A 847 -10.47 -6.28 34.40
CA GLU A 847 -10.45 -7.64 34.94
C GLU A 847 -11.08 -8.66 33.99
N ASN A 848 -12.10 -8.25 33.23
CA ASN A 848 -12.77 -9.15 32.29
C ASN A 848 -11.90 -9.75 31.20
N ILE A 849 -10.86 -9.04 30.79
CA ILE A 849 -10.02 -9.52 29.70
C ILE A 849 -8.65 -9.96 30.18
N TRP A 850 -8.55 -10.30 31.46
CA TRP A 850 -7.33 -10.80 31.99
C TRP A 850 -6.93 -12.19 31.46
N PRO A 851 -7.89 -13.11 31.30
CA PRO A 851 -7.59 -14.31 30.55
C PRO A 851 -6.82 -14.00 29.26
N MET A 852 -7.36 -13.10 28.43
CA MET A 852 -6.67 -12.68 27.20
C MET A 852 -5.24 -12.24 27.53
N ILE A 853 -5.12 -11.21 28.35
CA ILE A 853 -3.83 -10.68 28.76
C ILE A 853 -2.87 -11.76 29.26
N ASN A 854 -3.36 -12.63 30.13
CA ASN A 854 -2.54 -13.75 30.60
C ASN A 854 -2.00 -14.69 29.51
N THR A 855 -2.85 -15.14 28.59
CA THR A 855 -2.42 -16.02 27.50
C THR A 855 -1.22 -15.41 26.77
N PHE A 856 -1.33 -14.10 26.54
CA PHE A 856 -0.33 -13.28 25.88
C PHE A 856 0.99 -13.28 26.63
N LEU A 857 0.90 -12.96 27.93
CA LEU A 857 2.05 -12.94 28.81
C LEU A 857 2.91 -14.17 28.67
N LEU A 858 2.27 -15.34 28.63
CA LEU A 858 3.01 -16.60 28.54
C LEU A 858 2.90 -17.32 27.18
N ASP A 859 2.68 -16.59 26.09
CA ASP A 859 2.77 -17.20 24.77
C ASP A 859 4.25 -17.19 24.41
N ASN A 860 4.56 -17.55 23.19
CA ASN A 860 5.94 -17.54 22.75
C ASN A 860 6.22 -16.25 22.05
N GLU A 861 5.25 -15.85 21.25
CA GLU A 861 5.47 -14.76 20.36
C GLU A 861 5.81 -13.50 21.13
N PRO A 862 7.03 -12.98 20.96
CA PRO A 862 7.51 -11.84 21.73
C PRO A 862 6.58 -10.60 21.64
N ILE A 863 5.93 -10.43 20.50
CA ILE A 863 4.97 -9.34 20.27
C ILE A 863 3.83 -9.34 21.32
N LEU A 864 3.18 -10.50 21.53
CA LEU A 864 2.08 -10.63 22.51
C LEU A 864 2.55 -10.47 23.93
N VAL A 865 3.81 -10.80 24.15
CA VAL A 865 4.39 -10.73 25.47
C VAL A 865 4.62 -9.26 25.80
N ILE A 866 5.29 -8.57 24.89
CA ILE A 866 5.59 -7.15 25.08
C ILE A 866 4.27 -6.42 25.33
N PHE A 867 3.25 -6.74 24.55
CA PHE A 867 1.92 -6.16 24.76
C PHE A 867 1.44 -6.33 26.20
N ALA A 868 1.33 -7.58 26.62
CA ALA A 868 0.90 -7.87 27.97
C ALA A 868 1.72 -7.12 29.00
N LEU A 869 3.06 -7.22 28.93
CA LEU A 869 3.93 -6.52 29.88
C LEU A 869 3.63 -5.03 29.96
N VAL A 870 3.35 -4.43 28.82
CA VAL A 870 3.06 -3.00 28.82
C VAL A 870 1.70 -2.70 29.45
N VAL A 871 0.67 -3.51 29.17
CA VAL A 871 -0.62 -3.40 29.89
C VAL A 871 -0.39 -3.46 31.40
N ILE A 872 0.38 -4.46 31.81
CA ILE A 872 0.63 -4.70 33.21
C ILE A 872 1.23 -3.46 33.89
N GLY A 873 2.18 -2.82 33.21
CA GLY A 873 2.82 -1.64 33.74
C GLY A 873 1.82 -0.51 33.93
N ASP A 874 0.84 -0.45 33.06
CA ASP A 874 -0.21 0.55 33.18
C ASP A 874 -1.11 0.26 34.41
N LEU A 875 -1.47 -1.01 34.61
CA LEU A 875 -2.27 -1.43 35.78
C LEU A 875 -1.62 -0.95 37.06
N ILE A 876 -0.39 -1.36 37.35
CA ILE A 876 0.36 -0.92 38.54
C ILE A 876 0.45 0.59 38.83
N GLN A 877 0.49 1.41 37.79
CA GLN A 877 0.51 2.86 37.99
C GLN A 877 -0.72 3.35 38.74
N TYR A 878 -1.78 2.54 38.73
CA TYR A 878 -3.05 2.83 39.40
C TYR A 878 -3.33 1.54 40.19
N GLU A 881 -1.26 -0.08 45.18
CA GLU A 881 -1.08 -1.39 45.79
C GLU A 881 -2.35 -2.27 45.78
N GLN A 882 -3.19 -2.10 44.74
CA GLN A 882 -4.49 -2.78 44.60
C GLN A 882 -4.42 -3.93 43.58
N THR A 883 -3.19 -4.31 43.28
CA THR A 883 -2.92 -5.30 42.27
C THR A 883 -2.44 -6.60 42.90
N ALA A 884 -2.16 -6.58 44.20
CA ALA A 884 -1.72 -7.79 44.89
C ALA A 884 -2.57 -8.97 44.44
N SER A 885 -3.83 -8.71 44.16
CA SER A 885 -4.66 -9.75 43.60
C SER A 885 -3.82 -10.56 42.62
N MET A 886 -2.93 -9.89 41.87
CA MET A 886 -2.27 -10.51 40.72
C MET A 886 -0.76 -10.70 40.87
N LYS A 887 -0.14 -9.89 41.72
CA LYS A 887 1.31 -10.01 41.99
C LYS A 887 1.77 -11.44 41.76
N ASN A 888 1.13 -12.40 42.42
CA ASN A 888 1.68 -13.74 42.36
C ASN A 888 1.53 -14.39 41.00
N ALA A 889 0.73 -13.76 40.13
CA ALA A 889 0.45 -14.32 38.80
C ALA A 889 1.41 -13.87 37.67
N PHE A 890 2.08 -12.73 37.83
CA PHE A 890 2.87 -12.18 36.73
C PHE A 890 4.31 -11.86 37.05
N ILE A 891 4.67 -11.74 38.34
CA ILE A 891 6.08 -11.51 38.68
C ILE A 891 7.00 -12.68 38.31
N PRO A 892 6.51 -13.94 38.39
CA PRO A 892 7.30 -15.02 37.82
C PRO A 892 7.75 -14.68 36.39
N LYS A 893 6.82 -14.24 35.54
CA LYS A 893 7.11 -14.05 34.11
C LYS A 893 7.94 -12.80 33.85
N VAL A 894 7.65 -11.75 34.62
CA VAL A 894 8.38 -10.50 34.53
C VAL A 894 9.87 -10.69 34.85
N THR A 895 10.17 -11.44 35.91
CA THR A 895 11.55 -11.72 36.29
C THR A 895 12.25 -12.60 35.26
N GLU A 896 11.50 -13.50 34.62
CA GLU A 896 12.06 -14.19 33.44
C GLU A 896 12.45 -13.14 32.41
N CYS A 897 11.46 -12.38 31.98
CA CYS A 897 11.62 -11.41 30.93
C CYS A 897 12.79 -10.50 31.13
N LEU A 898 13.12 -10.22 32.40
CA LEU A 898 14.24 -9.35 32.77
C LEU A 898 15.50 -9.68 32.03
N ILE A 899 15.83 -10.95 31.94
CA ILE A 899 17.04 -11.37 31.27
C ILE A 899 16.80 -11.98 29.88
N SER A 900 15.70 -11.61 29.23
CA SER A 900 15.41 -12.14 27.89
C SER A 900 16.44 -11.62 26.88
N PRO A 901 16.74 -12.46 25.85
CA PRO A 901 17.59 -12.06 24.72
C PRO A 901 17.03 -10.80 24.08
N ASP A 902 15.70 -10.72 24.04
CA ASP A 902 14.99 -9.59 23.43
C ASP A 902 14.98 -8.30 24.30
N ALA A 903 15.62 -7.26 23.78
CA ALA A 903 15.80 -5.99 24.49
C ALA A 903 14.51 -5.23 24.64
N ARG A 904 13.56 -5.43 23.73
CA ARG A 904 12.23 -4.82 23.90
C ARG A 904 11.46 -5.45 25.08
N ILE A 905 11.65 -6.75 25.27
CA ILE A 905 11.15 -7.46 26.43
C ILE A 905 11.83 -7.03 27.72
N ARG A 906 13.13 -6.86 27.72
CA ARG A 906 13.80 -6.40 28.93
C ARG A 906 13.30 -5.02 29.33
N GLN A 907 13.21 -4.14 28.35
CA GLN A 907 12.62 -2.82 28.53
C GLN A 907 11.27 -2.88 29.25
N ALA A 908 10.33 -3.67 28.71
CA ALA A 908 8.97 -3.72 29.25
C ALA A 908 8.97 -4.20 30.70
N ALA A 909 9.74 -5.27 30.94
CA ALA A 909 9.91 -5.86 32.25
C ALA A 909 10.49 -4.91 33.26
N SER A 910 11.66 -4.37 32.97
CA SER A 910 12.26 -3.41 33.90
C SER A 910 11.35 -2.20 34.22
N TYR A 911 10.58 -1.73 33.25
CA TYR A 911 9.65 -0.61 33.52
C TYR A 911 8.61 -1.04 34.55
N ILE A 912 8.15 -2.27 34.41
CA ILE A 912 7.20 -2.86 35.36
C ILE A 912 7.81 -2.83 36.76
N ILE A 913 9.01 -3.37 36.90
CA ILE A 913 9.70 -3.39 38.19
C ILE A 913 9.92 -1.98 38.76
N GLY A 914 10.13 -1.02 37.89
CA GLY A 914 10.39 0.34 38.31
C GLY A 914 9.12 0.93 38.84
N VAL A 915 8.03 0.67 38.11
CA VAL A 915 6.73 1.25 38.41
C VAL A 915 6.16 0.60 39.69
N CYS A 916 6.52 -0.66 39.91
CA CYS A 916 6.16 -1.37 41.13
C CYS A 916 6.66 -0.63 42.35
N ALA A 917 7.94 -0.30 42.39
CA ALA A 917 8.52 0.38 43.55
C ALA A 917 8.02 1.81 43.71
N GLN A 918 7.39 2.35 42.67
CA GLN A 918 7.02 3.76 42.69
C GLN A 918 5.63 3.99 43.21
N TYR A 919 4.68 3.19 42.73
CA TYR A 919 3.28 3.37 43.08
C TYR A 919 2.75 2.31 44.04
N ALA A 920 3.42 1.16 44.09
CA ALA A 920 3.05 0.09 44.97
C ALA A 920 4.24 -0.37 45.86
N PRO A 921 4.82 0.55 46.67
CA PRO A 921 6.14 0.37 47.37
C PRO A 921 6.25 -0.75 48.40
N SER A 922 5.24 -0.89 49.26
CA SER A 922 5.22 -1.93 50.29
C SER A 922 4.70 -3.28 49.78
N THR A 923 3.76 -3.27 48.84
CA THR A 923 3.24 -4.53 48.33
C THR A 923 4.21 -5.25 47.39
N TYR A 924 5.27 -4.55 46.96
CA TYR A 924 6.21 -5.15 46.03
C TYR A 924 7.64 -5.11 46.54
N ALA A 925 7.85 -4.62 47.75
CA ALA A 925 9.19 -4.61 48.31
C ALA A 925 9.98 -5.94 48.17
N ASP A 926 9.30 -7.08 48.17
CA ASP A 926 9.99 -8.39 48.17
C ASP A 926 10.57 -8.84 46.86
N VAL A 927 9.93 -8.45 45.75
CA VAL A 927 10.40 -8.74 44.39
C VAL A 927 11.43 -7.70 43.94
N CYS A 928 11.11 -6.43 44.21
CA CYS A 928 11.93 -5.28 43.79
C CYS A 928 13.39 -5.35 44.24
N ILE A 929 13.60 -5.57 45.54
CA ILE A 929 14.95 -5.61 46.08
C ILE A 929 15.78 -6.84 45.66
N PRO A 930 15.17 -8.04 45.63
CA PRO A 930 15.91 -9.17 45.05
C PRO A 930 16.42 -8.88 43.62
N THR A 931 15.50 -8.54 42.73
CA THR A 931 15.78 -8.34 41.31
C THR A 931 16.79 -7.19 41.05
N LEU A 932 16.91 -6.32 42.03
CA LEU A 932 17.93 -5.27 42.02
C LEU A 932 19.32 -5.67 41.50
N ASP A 933 19.76 -6.90 41.77
CA ASP A 933 21.03 -7.39 41.22
C ASP A 933 20.97 -7.58 39.71
N THR A 934 19.84 -8.16 39.29
CA THR A 934 19.56 -8.45 37.90
C THR A 934 19.69 -7.16 37.11
N LEU A 935 19.20 -6.06 37.67
CA LEU A 935 19.22 -4.76 37.01
C LEU A 935 20.63 -4.24 36.82
N VAL A 936 21.53 -4.51 37.77
CA VAL A 936 22.92 -4.11 37.58
C VAL A 936 23.57 -4.93 36.43
N GLN A 937 23.12 -6.17 36.29
CA GLN A 937 23.59 -7.07 35.23
C GLN A 937 23.01 -6.73 33.84
N ILE A 938 21.70 -6.48 33.76
CA ILE A 938 21.03 -6.09 32.50
C ILE A 938 21.60 -4.80 31.95
N VAL A 939 21.92 -3.88 32.86
CA VAL A 939 22.64 -2.68 32.48
C VAL A 939 23.99 -2.93 31.79
N ASP A 940 24.57 -4.14 31.94
CA ASP A 940 25.82 -4.51 31.20
C ASP A 940 25.61 -5.67 30.19
N GLY A 943 26.80 -5.07 24.64
CA GLY A 943 26.10 -4.13 23.75
C GLY A 943 25.03 -3.25 24.40
N SER A 944 25.19 -2.96 25.69
CA SER A 944 24.23 -2.16 26.43
C SER A 944 24.12 -0.74 25.95
N LYS A 945 25.28 -0.09 25.86
CA LYS A 945 25.35 1.31 25.47
C LYS A 945 25.30 1.49 23.96
N LEU A 946 24.47 0.71 23.29
CA LEU A 946 24.43 0.74 21.85
C LEU A 946 23.22 1.62 21.57
N GLU A 947 22.88 1.81 20.30
CA GLU A 947 21.68 2.55 19.88
C GLU A 947 20.45 1.62 19.93
N GLU A 948 20.57 0.43 19.35
CA GLU A 948 19.48 -0.56 19.36
C GLU A 948 18.91 -0.98 20.72
N ASN A 949 19.76 -1.09 21.75
CA ASN A 949 19.27 -1.37 23.09
C ASN A 949 19.56 -0.29 24.12
N ARG A 950 19.84 0.90 23.64
CA ARG A 950 20.03 2.04 24.49
C ARG A 950 18.71 2.28 25.20
N SER A 951 17.64 1.88 24.54
CA SER A 951 16.29 2.11 25.01
C SER A 951 16.08 1.26 26.25
N SER A 952 16.31 -0.04 26.05
CA SER A 952 16.11 -1.03 27.07
C SER A 952 16.90 -0.73 28.33
N THR A 953 18.19 -0.44 28.17
CA THR A 953 19.06 -0.34 29.32
C THR A 953 18.82 0.97 30.01
N GLU A 954 18.22 1.92 29.31
CA GLU A 954 17.84 3.16 29.96
C GLU A 954 16.67 2.99 30.91
N ASN A 955 15.75 2.09 30.56
CA ASN A 955 14.62 1.79 31.45
C ASN A 955 15.04 1.06 32.70
N ALA A 956 15.88 0.04 32.52
CA ALA A 956 16.52 -0.62 33.61
C ALA A 956 17.18 0.41 34.55
N SER A 957 18.02 1.28 33.98
CA SER A 957 18.65 2.34 34.76
C SER A 957 17.66 3.10 35.65
N ALA A 958 16.53 3.48 35.06
CA ALA A 958 15.51 4.25 35.75
C ALA A 958 14.81 3.37 36.75
N ALA A 959 14.62 2.11 36.39
CA ALA A 959 13.97 1.16 37.28
C ALA A 959 14.73 1.03 38.59
N ILE A 960 16.06 0.97 38.54
CA ILE A 960 16.85 0.86 39.78
C ILE A 960 16.88 2.18 40.54
N ALA A 961 16.82 3.29 39.83
CA ALA A 961 16.77 4.58 40.49
C ALA A 961 15.47 4.71 41.28
N LYS A 962 14.42 4.05 40.78
CA LYS A 962 13.10 4.14 41.39
C LYS A 962 13.08 3.36 42.71
N ILE A 963 13.62 2.17 42.66
CA ILE A 963 13.79 1.32 43.82
C ILE A 963 14.66 1.99 44.90
N LEU A 964 15.77 2.59 44.51
CA LEU A 964 16.61 3.30 45.48
C LEU A 964 15.93 4.51 46.14
N TYR A 965 14.86 5.01 45.52
CA TYR A 965 14.11 6.13 46.09
C TYR A 965 13.05 5.64 47.07
N ALA A 966 12.24 4.68 46.63
CA ALA A 966 11.17 4.10 47.45
C ALA A 966 11.66 3.59 48.80
N TYR A 967 12.78 2.86 48.80
CA TYR A 967 13.36 2.30 50.04
C TYR A 967 14.58 3.14 50.47
N ASP A 975 23.99 1.79 49.25
CA ASP A 975 24.95 2.81 48.74
C ASP A 975 25.79 2.29 47.58
N THR A 976 26.17 1.02 47.65
CA THR A 976 26.95 0.37 46.60
C THR A 976 26.17 0.40 45.29
N TYR A 977 24.85 0.19 45.41
CA TYR A 977 23.96 0.17 44.29
C TYR A 977 23.86 1.51 43.60
N THR A 978 23.80 2.60 44.35
CA THR A 978 23.53 3.92 43.76
C THR A 978 24.73 4.40 42.92
N ALA A 979 25.93 4.04 43.37
CA ALA A 979 27.18 4.23 42.63
C ALA A 979 27.18 3.47 41.29
N ASN A 980 26.52 2.30 41.27
CA ASN A 980 26.25 1.56 40.02
C ASN A 980 25.32 2.35 39.09
N TRP A 981 24.21 2.80 39.66
CA TRP A 981 23.20 3.58 38.95
C TRP A 981 23.80 4.74 38.19
N PHE A 982 24.56 5.58 38.90
CA PHE A 982 25.31 6.66 38.27
C PHE A 982 26.09 6.24 36.99
N LYS A 983 26.75 5.08 37.02
CA LYS A 983 27.47 4.54 35.85
C LYS A 983 26.57 4.07 34.69
N THR A 984 25.32 4.55 34.69
CA THR A 984 24.33 4.25 33.66
C THR A 984 23.80 5.56 33.11
N LEU A 985 24.21 6.66 33.72
CA LEU A 985 23.93 7.93 33.13
C LEU A 985 24.85 8.02 31.93
N PRO A 986 24.49 8.85 30.94
CA PRO A 986 23.31 9.72 30.97
C PRO A 986 22.12 9.04 30.32
N THR A 987 20.92 9.56 30.58
CA THR A 987 19.72 9.06 29.93
C THR A 987 19.26 10.06 28.88
N ILE A 988 19.22 9.59 27.63
CA ILE A 988 19.07 10.45 26.46
C ILE A 988 17.94 10.03 25.50
N THR A 989 17.50 8.78 25.57
CA THR A 989 16.54 8.26 24.57
C THR A 989 15.11 8.15 25.07
N ASP A 990 14.91 7.64 26.28
CA ASP A 990 13.57 7.51 26.87
C ASP A 990 13.23 8.72 27.74
N LYS A 991 12.11 9.37 27.44
CA LYS A 991 11.73 10.62 28.10
C LYS A 991 11.24 10.45 29.57
N GLU A 992 10.37 9.47 29.82
CA GLU A 992 9.81 9.23 31.18
C GLU A 992 10.89 8.74 32.15
N ALA A 993 11.77 7.90 31.62
CA ALA A 993 12.93 7.38 32.36
C ALA A 993 13.83 8.53 32.76
N ALA A 994 14.29 9.28 31.75
CA ALA A 994 15.15 10.44 31.94
C ALA A 994 14.58 11.42 32.95
N SER A 995 13.27 11.61 32.87
CA SER A 995 12.52 12.48 33.77
C SER A 995 12.81 12.11 35.22
N PHE A 996 12.70 10.81 35.51
CA PHE A 996 12.90 10.39 36.86
C PHE A 996 14.35 10.44 37.30
N ASN A 997 15.27 9.89 36.50
CA ASN A 997 16.70 9.81 36.86
C ASN A 997 17.28 11.16 37.27
N TYR A 998 16.93 12.20 36.55
CA TYR A 998 17.45 13.52 36.89
C TYR A 998 16.68 14.20 38.05
N GLN A 999 15.43 13.80 38.29
CA GLN A 999 14.71 14.20 39.51
C GLN A 999 15.41 13.53 40.71
N PHE A 1000 15.72 12.23 40.57
CA PHE A 1000 16.48 11.46 41.57
C PHE A 1000 17.89 12.00 41.77
N LEU A 1001 18.55 12.35 40.67
CA LEU A 1001 19.89 12.90 40.74
C LEU A 1001 19.88 14.23 41.51
N SER A 1002 18.72 14.91 41.50
CA SER A 1002 18.55 16.23 42.11
C SER A 1002 18.29 16.12 43.60
N GLN A 1003 17.75 14.96 44.00
CA GLN A 1003 17.46 14.66 45.38
C GLN A 1003 18.72 14.08 46.00
N LEU A 1004 19.43 13.22 45.27
CA LEU A 1004 20.69 12.65 45.75
C LEU A 1004 21.73 13.73 46.10
N ILE A 1005 21.35 14.97 45.82
CA ILE A 1005 22.25 16.09 45.99
C ILE A 1005 21.73 17.06 47.07
N GLU A 1006 20.59 17.70 46.82
CA GLU A 1006 19.94 18.56 47.82
C GLU A 1006 19.82 17.90 49.22
N ASN A 1007 19.60 16.58 49.27
CA ASN A 1007 19.75 15.75 50.48
C ASN A 1007 20.80 14.63 50.27
N SER A 1016 34.07 15.12 43.28
CA SER A 1016 34.96 14.83 42.15
C SER A 1016 34.36 13.90 41.07
N ASN A 1017 33.07 13.57 41.18
CA ASN A 1017 32.28 13.01 40.06
C ASN A 1017 31.63 14.13 39.25
N ILE A 1018 32.04 15.33 39.62
CA ILE A 1018 31.49 16.60 39.18
C ILE A 1018 31.44 16.79 37.66
N SER A 1019 32.48 16.40 36.92
CA SER A 1019 32.46 16.58 35.48
C SER A 1019 31.63 15.51 34.77
N ALA A 1020 31.42 14.37 35.44
CA ALA A 1020 30.53 13.36 34.93
C ALA A 1020 29.09 13.70 35.33
N VAL A 1021 28.95 14.39 36.47
CA VAL A 1021 27.63 14.84 36.94
C VAL A 1021 27.10 15.89 35.97
N VAL A 1022 27.91 16.91 35.70
CA VAL A 1022 27.52 17.99 34.82
C VAL A 1022 27.26 17.41 33.45
N ASP A 1023 28.25 16.74 32.86
CA ASP A 1023 28.10 16.19 31.53
C ASP A 1023 26.80 15.38 31.36
N SER A 1024 26.52 14.50 32.31
CA SER A 1024 25.31 13.66 32.30
C SER A 1024 24.05 14.49 32.05
N VAL A 1025 24.07 15.72 32.57
CA VAL A 1025 22.98 16.69 32.52
C VAL A 1025 22.95 17.43 31.19
N ILE A 1026 24.10 17.97 30.80
CA ILE A 1026 24.28 18.63 29.53
C ILE A 1026 23.85 17.69 28.40
N GLN A 1027 24.36 16.46 28.42
CA GLN A 1027 23.94 15.43 27.47
C GLN A 1027 22.42 15.25 27.41
N ALA A 1028 21.76 15.19 28.56
CA ALA A 1028 20.31 15.02 28.60
C ALA A 1028 19.57 16.17 27.93
N LEU A 1029 19.89 17.40 28.32
CA LEU A 1029 19.24 18.56 27.71
C LEU A 1029 19.58 18.63 26.24
N ASN A 1030 20.87 18.55 25.91
CA ASN A 1030 21.33 18.64 24.53
C ASN A 1030 20.64 17.61 23.66
N GLU A 1031 20.40 16.43 24.20
CA GLU A 1031 19.73 15.37 23.45
C GLU A 1031 18.22 15.45 23.60
N ARG A 1032 17.75 16.53 24.20
CA ARG A 1032 16.32 16.83 24.34
C ARG A 1032 15.53 15.63 24.85
N SER A 1033 15.95 15.08 25.99
CA SER A 1033 15.26 13.95 26.60
C SER A 1033 14.39 14.36 27.78
N LEU A 1034 14.70 15.47 28.44
CA LEU A 1034 13.98 15.76 29.69
C LEU A 1034 13.33 17.13 29.89
N THR A 1041 15.75 22.83 36.55
CA THR A 1041 15.74 22.73 38.03
C THR A 1041 16.78 21.76 38.64
N VAL A 1042 17.00 20.60 38.02
CA VAL A 1042 18.18 19.74 38.25
C VAL A 1042 19.47 20.60 38.12
N ILE A 1043 19.35 21.59 37.25
CA ILE A 1043 20.37 22.60 37.06
C ILE A 1043 20.61 23.38 38.35
N SER A 1044 19.55 23.78 39.07
CA SER A 1044 19.71 24.46 40.36
C SER A 1044 20.59 23.66 41.29
N SER A 1045 20.33 22.36 41.42
CA SER A 1045 21.16 21.47 42.25
C SER A 1045 22.63 21.44 41.77
N VAL A 1046 22.83 21.35 40.45
CA VAL A 1046 24.19 21.33 39.88
C VAL A 1046 24.98 22.62 40.19
N LYS A 1047 24.35 23.77 40.00
CA LYS A 1047 24.90 25.08 40.37
C LYS A 1047 25.48 25.08 41.81
N LYS A 1048 24.69 24.63 42.79
CA LYS A 1048 25.09 24.58 44.21
C LYS A 1048 26.40 23.79 44.39
N LEU A 1049 26.52 22.69 43.66
CA LEU A 1049 27.72 21.87 43.62
C LEU A 1049 28.94 22.67 43.09
N LEU A 1050 28.73 23.39 41.98
CA LEU A 1050 29.75 24.26 41.38
C LEU A 1050 30.06 25.48 42.27
N GLY A 1051 29.11 25.85 43.12
CA GLY A 1051 29.32 26.88 44.14
C GLY A 1051 30.44 26.51 45.09
N PHE A 1052 30.45 25.25 45.52
CA PHE A 1052 31.51 24.72 46.39
C PHE A 1052 32.86 24.44 45.67
N LEU A 1053 33.13 25.16 44.57
CA LEU A 1053 34.41 25.02 43.84
C LEU A 1053 35.07 26.35 43.48
N PRO A 1054 36.41 26.36 43.30
CA PRO A 1054 37.11 27.56 42.77
C PRO A 1054 36.59 27.97 41.39
N SER A 1055 36.58 29.26 41.12
CA SER A 1055 36.14 29.75 39.80
C SER A 1055 36.82 28.97 38.66
N SER A 1056 38.13 28.75 38.76
CA SER A 1056 38.92 28.03 37.73
C SER A 1056 38.61 26.52 37.60
N ASP A 1057 38.38 25.83 38.71
CA ASP A 1057 37.93 24.45 38.71
C ASP A 1057 36.57 24.34 38.03
N ALA A 1058 35.71 25.31 38.32
CA ALA A 1058 34.33 25.37 37.82
C ALA A 1058 34.31 25.46 36.28
N MET A 1059 35.05 26.44 35.78
CA MET A 1059 35.21 26.75 34.36
C MET A 1059 35.77 25.60 33.50
N ALA A 1060 36.71 24.83 34.05
CA ALA A 1060 37.39 23.74 33.34
C ALA A 1060 36.47 22.58 32.91
N ILE A 1061 35.29 22.50 33.52
CA ILE A 1061 34.33 21.45 33.19
C ILE A 1061 33.78 21.58 31.79
N PHE A 1062 33.58 22.83 31.36
CA PHE A 1062 33.10 23.16 30.01
C PHE A 1062 34.19 23.59 29.05
N ASN A 1063 35.38 23.01 29.23
CA ASN A 1063 36.52 22.98 28.29
C ASN A 1063 36.24 22.01 27.12
N ARG A 1064 35.54 20.92 27.42
CA ARG A 1064 35.20 19.84 26.50
C ARG A 1064 34.27 20.24 25.34
N TYR A 1065 33.39 21.19 25.62
CA TYR A 1065 32.22 21.43 24.78
C TYR A 1065 32.45 22.37 23.61
N PRO A 1066 31.91 22.02 22.41
CA PRO A 1066 32.02 22.91 21.24
C PRO A 1066 31.07 24.11 21.32
N ALA A 1067 31.26 25.05 20.41
CA ALA A 1067 30.58 26.34 20.41
C ALA A 1067 29.08 26.20 20.49
N ASP A 1068 28.52 25.47 19.53
CA ASP A 1068 27.08 25.35 19.42
C ASP A 1068 26.40 24.90 20.73
N ILE A 1069 27.00 23.96 21.45
CA ILE A 1069 26.39 23.49 22.70
C ILE A 1069 26.76 24.40 23.89
N MET A 1070 27.82 25.18 23.74
CA MET A 1070 28.17 26.19 24.73
C MET A 1070 27.29 27.45 24.64
N GLU A 1071 26.74 27.69 23.45
CA GLU A 1071 25.71 28.70 23.28
C GLU A 1071 24.51 28.29 24.13
N LYS A 1072 24.06 27.05 23.92
CA LYS A 1072 22.97 26.47 24.71
C LYS A 1072 23.26 26.40 26.22
N VAL A 1073 24.51 26.09 26.61
CA VAL A 1073 24.87 25.93 28.04
C VAL A 1073 24.73 27.23 28.82
N HIS A 1074 25.15 28.30 28.17
CA HIS A 1074 25.05 29.62 28.74
C HIS A 1074 23.58 29.94 29.02
N LYS A 1075 22.70 29.59 28.09
CA LYS A 1075 21.25 29.83 28.20
C LYS A 1075 20.51 28.77 29.05
N TRP A 1076 21.24 27.89 29.73
CA TRP A 1076 20.63 26.86 30.57
C TRP A 1076 20.96 27.14 32.01
N PHE A 1077 21.97 27.96 32.24
CA PHE A 1077 22.48 28.10 33.59
C PHE A 1077 22.11 29.39 34.29
N ALA A 1078 22.19 29.32 35.62
CA ALA A 1078 21.64 30.32 36.55
C ALA A 1078 22.61 31.48 36.85
#